data_7LKU
#
_entry.id   7LKU
#
_cell.length_a   54.911
_cell.length_b   98.388
_cell.length_c   58.186
_cell.angle_alpha   90.000
_cell.angle_beta   107.390
_cell.angle_gamma   90.000
#
_symmetry.space_group_name_H-M   'P 1 21 1'
#
loop_
_entity.id
_entity.type
_entity.pdbx_description
1 polymer '3C-like proteinase'
2 non-polymer '(1R,2S)-2-((S)-2-(((((1R,3s,5S)-bicyclo[3.3.1]nonan-3-yl)methoxy)carbonyl)amino)-4-methylpentanamido)-1-hydroxy-3-((S)-2-oxopyrrolidin-3-yl)propane-1-sulfonic acid'
3 non-polymer '(1S,2S)-2-((S)-2-(((((1R,3s,5S)-bicyclo[3.3.1]nonan-3-yl)methoxy)carbonyl)amino)-4-methylpentanamido)-1-hydroxy-3-((S)-2-oxopyrrolidin-3-yl)propane-1-sulfonic acid'
4 non-polymer '(1R,2S)-2-((S)-2-(((((1R,3r,5S)-bicyclo[3.3.1]nonan-3-yl)methoxy)carbonyl)amino)-4-methylpentanamido)-1-hydroxy-3-((S)-2-oxopyrrolidin-3-yl)propane-1-sulfonic acid'
5 non-polymer '(1S,2S)-2-((S)-2-(((((1R,3r,5S)-bicyclo[3.3.1]nonan-3-yl)methoxy)carbonyl)amino)-4-methylpentanamido)-1-hydroxy-3-((S)-2-oxopyrrolidin-3-yl)propane-1-sulfonic acid'
6 water water
#
_entity_poly.entity_id   1
_entity_poly.type   'polypeptide(L)'
_entity_poly.pdbx_seq_one_letter_code
;SNIGSGFRKMAFPSGKVEGCMVQVTCGTTTLNGLWLDDVVYCPRHVICTSEDMLNPNYEDLLIRKSNHNFLVQAGNVQLR
VIGHSMQNCVLKLKVDTANPKTPKYKFVRIQPGQTFSVLACYNGSPSGVYQCAMRPNFTIKGSFLNGSCGSVGFNIDYDC
VSFCYMHHMELPTGVHAGTDLEGNFYGPFVDRQTAQAAGTDTTITVNVLAWLYAAVINGDRWFLNRFTTTLNDFNLVAMK
YNYEPLTQDHVDILGPLSAQTGIAVLDMCASLKELLQNGMNGRTILGSALLEDEFTPFDVVRQCSGVTF
;
_entity_poly.pdbx_strand_id   A,B
#
loop_
_chem_comp.id
_chem_comp.type
_chem_comp.name
_chem_comp.formula
Y4D non-polymer '(1R,2S)-2-((S)-2-(((((1R,3s,5S)-bicyclo[3.3.1]nonan-3-yl)methoxy)carbonyl)amino)-4-methylpentanamido)-1-hydroxy-3-((S)-2-oxopyrrolidin-3-yl)propane-1-sulfonic acid' 'C24 H41 N3 O8 S'
Y5S non-polymer '(1S,2S)-2-((S)-2-(((((1R,3s,5S)-bicyclo[3.3.1]nonan-3-yl)methoxy)carbonyl)amino)-4-methylpentanamido)-1-hydroxy-3-((S)-2-oxopyrrolidin-3-yl)propane-1-sulfonic acid' 'C24 H41 N3 O8 S'
Y8Y non-polymer '(1R,2S)-2-((S)-2-(((((1R,3r,5S)-bicyclo[3.3.1]nonan-3-yl)methoxy)carbonyl)amino)-4-methylpentanamido)-1-hydroxy-3-((S)-2-oxopyrrolidin-3-yl)propane-1-sulfonic acid' 'C24 H41 N3 O8 S'
Y91 non-polymer '(1S,2S)-2-((S)-2-(((((1R,3r,5S)-bicyclo[3.3.1]nonan-3-yl)methoxy)carbonyl)amino)-4-methylpentanamido)-1-hydroxy-3-((S)-2-oxopyrrolidin-3-yl)propane-1-sulfonic acid' 'C24 H41 N3 O8 S'
#
# COMPACT_ATOMS: atom_id res chain seq x y z
N SER A 5 -7.16 -12.34 11.40
CA SER A 5 -7.71 -12.09 10.03
C SER A 5 -6.91 -11.00 9.32
N GLY A 6 -6.52 -9.96 10.05
CA GLY A 6 -5.56 -8.98 9.59
C GLY A 6 -6.20 -7.63 9.32
N PHE A 7 -5.35 -6.59 9.35
CA PHE A 7 -5.78 -5.25 8.95
C PHE A 7 -4.56 -4.45 8.49
N ARG A 8 -4.59 -4.00 7.24
CA ARG A 8 -3.52 -3.17 6.69
C ARG A 8 -4.15 -2.11 5.80
N LYS A 9 -3.41 -1.01 5.59
CA LYS A 9 -3.84 0.05 4.68
C LYS A 9 -3.73 -0.46 3.25
N MET A 10 -4.88 -0.66 2.59
CA MET A 10 -4.96 -1.45 1.37
C MET A 10 -5.52 -0.61 0.24
N ALA A 11 -4.80 -0.59 -0.87
CA ALA A 11 -5.17 0.19 -2.03
C ALA A 11 -5.85 -0.71 -3.06
N PHE A 12 -6.53 -0.09 -4.02
CA PHE A 12 -7.09 -0.86 -5.12
C PHE A 12 -5.97 -1.35 -6.02
N PRO A 13 -6.15 -2.49 -6.68
CA PRO A 13 -5.17 -2.90 -7.68
C PRO A 13 -5.09 -1.84 -8.77
N SER A 14 -3.88 -1.52 -9.16
CA SER A 14 -3.64 -0.31 -9.95
C SER A 14 -3.56 -0.57 -11.45
N GLY A 15 -3.67 -1.84 -11.89
CA GLY A 15 -3.38 -2.16 -13.28
C GLY A 15 -4.24 -1.40 -14.28
N LYS A 16 -5.54 -1.27 -14.02
CA LYS A 16 -6.37 -0.56 -14.96
C LYS A 16 -5.90 0.88 -15.13
N VAL A 17 -5.28 1.46 -14.10
CA VAL A 17 -4.80 2.83 -14.21
C VAL A 17 -3.41 2.88 -14.86
N GLU A 18 -2.56 1.89 -14.60
CA GLU A 18 -1.22 1.88 -15.19
C GLU A 18 -1.28 1.90 -16.70
N GLY A 19 -2.27 1.25 -17.26
CA GLY A 19 -2.43 1.21 -18.70
C GLY A 19 -2.82 2.52 -19.32
N CYS A 20 -3.07 3.54 -18.49
CA CYS A 20 -3.44 4.87 -18.96
C CYS A 20 -2.37 5.92 -18.75
N MET A 21 -1.25 5.62 -18.10
CA MET A 21 -0.29 6.65 -17.78
C MET A 21 0.66 6.89 -18.95
N VAL A 22 0.87 8.16 -19.29
CA VAL A 22 1.83 8.57 -20.30
C VAL A 22 2.66 9.75 -19.78
N GLN A 23 3.70 10.09 -20.53
CA GLN A 23 4.57 11.21 -20.23
C GLN A 23 4.20 12.39 -21.13
N VAL A 24 4.09 13.56 -20.52
CA VAL A 24 3.79 14.81 -21.23
C VAL A 24 4.94 15.78 -20.99
N THR A 25 5.51 16.32 -22.07
CA THR A 25 6.58 17.29 -21.99
C THR A 25 6.19 18.51 -22.77
N CYS A 26 6.48 19.67 -22.20
CA CYS A 26 6.36 20.95 -22.88
C CYS A 26 7.51 21.81 -22.39
N GLY A 27 8.36 22.25 -23.33
CA GLY A 27 9.57 22.95 -22.94
C GLY A 27 10.45 22.02 -22.14
N THR A 28 10.87 22.47 -20.96
CA THR A 28 11.71 21.70 -20.06
C THR A 28 10.95 21.18 -18.85
N THR A 29 9.62 21.16 -18.92
CA THR A 29 8.80 20.58 -17.86
C THR A 29 8.26 19.24 -18.34
N THR A 30 8.38 18.24 -17.48
CA THR A 30 7.86 16.92 -17.78
C THR A 30 7.05 16.47 -16.58
N LEU A 31 5.87 15.93 -16.86
CA LEU A 31 5.04 15.35 -15.83
C LEU A 31 4.22 14.24 -16.48
N ASN A 32 3.24 13.72 -15.74
CA ASN A 32 2.44 12.61 -16.21
C ASN A 32 1.12 13.06 -16.79
N GLY A 33 0.59 12.27 -17.73
CA GLY A 33 -0.77 12.42 -18.17
C GLY A 33 -1.56 11.14 -18.13
N LEU A 34 -2.87 11.30 -18.17
CA LEU A 34 -3.84 10.22 -18.11
C LEU A 34 -4.48 10.11 -19.50
N TRP A 35 -4.27 8.98 -20.16
CA TRP A 35 -4.69 8.77 -21.56
C TRP A 35 -5.93 7.88 -21.57
N LEU A 36 -7.08 8.48 -21.86
CA LEU A 36 -8.36 7.77 -21.93
C LEU A 36 -8.93 8.00 -23.32
N ASP A 37 -9.30 6.90 -24.01
CA ASP A 37 -9.81 7.02 -25.37
C ASP A 37 -8.77 7.80 -26.17
N ASP A 38 -9.14 8.91 -26.81
CA ASP A 38 -8.17 9.67 -27.58
C ASP A 38 -7.83 11.02 -26.94
N VAL A 39 -7.87 11.11 -25.62
CA VAL A 39 -7.60 12.35 -24.91
C VAL A 39 -6.60 12.06 -23.79
N VAL A 40 -5.64 12.97 -23.62
CA VAL A 40 -4.68 12.90 -22.52
C VAL A 40 -4.93 14.09 -21.59
N TYR A 41 -5.17 13.81 -20.32
CA TYR A 41 -5.41 14.83 -19.31
C TYR A 41 -4.14 15.05 -18.51
N CYS A 42 -3.79 16.31 -18.25
CA CYS A 42 -2.61 16.55 -17.42
C CYS A 42 -2.73 17.93 -16.79
N PRO A 43 -1.90 18.22 -15.79
CA PRO A 43 -1.93 19.55 -15.16
C PRO A 43 -1.52 20.61 -16.14
N ARG A 44 -2.24 21.74 -16.11
CA ARG A 44 -1.93 22.79 -17.07
C ARG A 44 -0.62 23.49 -16.78
N HIS A 45 -0.08 23.43 -15.56
CA HIS A 45 1.16 24.12 -15.30
C HIS A 45 2.35 23.52 -16.06
N VAL A 46 2.15 22.43 -16.82
CA VAL A 46 3.22 21.96 -17.69
C VAL A 46 3.62 23.03 -18.72
N ILE A 47 2.75 23.99 -19.02
CA ILE A 47 3.08 24.97 -20.07
C ILE A 47 3.88 26.14 -19.52
N CYS A 48 4.11 26.20 -18.22
CA CYS A 48 4.77 27.35 -17.60
C CYS A 48 6.28 27.23 -17.64
N THR A 49 6.94 28.37 -17.81
CA THR A 49 8.35 28.52 -17.52
C THR A 49 8.49 29.12 -16.13
N SER A 50 9.73 29.37 -15.72
CA SER A 50 9.94 30.04 -14.44
C SER A 50 9.37 31.44 -14.47
N GLU A 51 9.59 32.18 -15.56
CA GLU A 51 9.11 33.55 -15.65
C GLU A 51 7.58 33.65 -15.61
N ASP A 52 6.87 32.52 -15.67
CA ASP A 52 5.41 32.49 -15.63
C ASP A 52 4.85 32.01 -14.29
N MET A 53 5.59 31.15 -13.59
CA MET A 53 5.03 30.36 -12.51
C MET A 53 4.44 31.19 -11.39
N LEU A 54 4.85 32.45 -11.26
CA LEU A 54 4.46 33.26 -10.11
C LEU A 54 3.08 33.90 -10.26
N ASN A 55 2.65 34.19 -11.48
CA ASN A 55 1.30 34.70 -11.74
C ASN A 55 0.96 34.33 -13.18
N PRO A 56 0.69 33.06 -13.45
CA PRO A 56 0.52 32.60 -14.83
C PRO A 56 -0.89 32.90 -15.34
N ASN A 57 -0.98 33.71 -16.40
CA ASN A 57 -2.26 33.94 -17.06
C ASN A 57 -2.44 32.81 -18.06
N TYR A 58 -3.02 31.73 -17.56
CA TYR A 58 -3.01 30.47 -18.29
C TYR A 58 -3.68 30.56 -19.66
N GLU A 59 -4.82 31.25 -19.77
CA GLU A 59 -5.47 31.35 -21.07
C GLU A 59 -4.56 32.05 -22.07
N ASP A 60 -3.86 33.07 -21.61
CA ASP A 60 -2.95 33.82 -22.48
C ASP A 60 -1.70 33.01 -22.81
N LEU A 61 -1.24 32.16 -21.89
CA LEU A 61 -0.09 31.31 -22.18
C LEU A 61 -0.48 30.17 -23.12
N LEU A 62 -1.67 29.60 -22.93
CA LEU A 62 -2.06 28.44 -23.71
C LEU A 62 -2.33 28.78 -25.16
N ILE A 63 -2.91 29.96 -25.41
CA ILE A 63 -3.28 30.26 -26.79
C ILE A 63 -2.04 30.45 -27.65
N ARG A 64 -0.90 30.72 -27.02
CA ARG A 64 0.38 30.86 -27.70
C ARG A 64 1.04 29.53 -28.01
N LYS A 65 0.44 28.41 -27.60
CA LYS A 65 1.03 27.09 -27.83
C LYS A 65 0.46 26.43 -29.06
N SER A 66 1.32 25.69 -29.75
CA SER A 66 0.92 24.86 -30.88
C SER A 66 0.90 23.40 -30.47
N ASN A 67 0.13 22.61 -31.21
CA ASN A 67 0.03 21.18 -30.90
C ASN A 67 1.41 20.53 -30.79
N HIS A 68 2.34 20.91 -31.67
CA HIS A 68 3.65 20.29 -31.68
C HIS A 68 4.53 20.74 -30.52
N ASN A 69 4.07 21.68 -29.69
CA ASN A 69 4.86 22.03 -28.51
C ASN A 69 4.69 20.99 -27.41
N PHE A 70 3.77 20.05 -27.58
CA PHE A 70 3.48 19.03 -26.58
C PHE A 70 4.03 17.70 -27.09
N LEU A 71 5.01 17.15 -26.37
CA LEU A 71 5.55 15.83 -26.62
C LEU A 71 4.87 14.87 -25.65
N VAL A 72 4.02 13.98 -26.19
CA VAL A 72 3.35 12.94 -25.40
C VAL A 72 3.96 11.59 -25.78
N GLN A 73 4.45 10.86 -24.79
CA GLN A 73 5.04 9.55 -25.03
C GLN A 73 4.35 8.50 -24.19
N ALA A 74 3.90 7.44 -24.84
CA ALA A 74 3.43 6.22 -24.19
C ALA A 74 4.53 5.17 -24.43
N GLY A 75 5.37 4.98 -23.44
CA GLY A 75 6.46 4.03 -23.59
C GLY A 75 7.40 4.45 -24.70
N ASN A 76 7.59 3.57 -25.68
CA ASN A 76 8.51 3.86 -26.78
C ASN A 76 7.87 4.69 -27.87
N VAL A 77 6.56 4.88 -27.85
CA VAL A 77 5.82 5.50 -28.94
C VAL A 77 5.51 6.94 -28.58
N GLN A 78 5.64 7.83 -29.56
CA GLN A 78 5.20 9.21 -29.43
C GLN A 78 3.78 9.30 -29.99
N LEU A 79 2.88 9.91 -29.24
CA LEU A 79 1.52 10.16 -29.69
C LEU A 79 1.46 11.57 -30.25
N ARG A 80 0.78 11.72 -31.39
CA ARG A 80 0.69 13.00 -32.05
C ARG A 80 -0.50 13.78 -31.48
N VAL A 81 -0.22 14.97 -30.95
CA VAL A 81 -1.27 15.85 -30.46
C VAL A 81 -1.89 16.57 -31.66
N ILE A 82 -3.21 16.44 -31.80
CA ILE A 82 -3.95 17.05 -32.91
C ILE A 82 -4.89 18.14 -32.46
N GLY A 83 -4.84 18.52 -31.18
CA GLY A 83 -5.63 19.62 -30.69
C GLY A 83 -5.48 19.69 -29.19
N HIS A 84 -5.78 20.84 -28.59
CA HIS A 84 -5.70 20.98 -27.14
C HIS A 84 -6.75 21.94 -26.65
N SER A 85 -7.19 21.73 -25.41
CA SER A 85 -8.07 22.66 -24.74
C SER A 85 -7.84 22.55 -23.25
N MET A 86 -8.43 23.48 -22.51
CA MET A 86 -8.23 23.62 -21.08
C MET A 86 -9.58 23.57 -20.38
N GLN A 87 -9.67 22.78 -19.31
CA GLN A 87 -10.83 22.79 -18.43
C GLN A 87 -10.33 23.09 -17.03
N ASN A 88 -10.58 24.30 -16.54
CA ASN A 88 -10.07 24.73 -15.23
C ASN A 88 -8.57 24.47 -15.20
N CYS A 89 -8.05 23.73 -14.22
CA CYS A 89 -6.60 23.58 -14.10
C CYS A 89 -6.06 22.36 -14.85
N VAL A 90 -6.86 21.70 -15.67
CA VAL A 90 -6.40 20.52 -16.40
CA VAL A 90 -6.42 20.51 -16.39
C VAL A 90 -6.39 20.82 -17.88
N LEU A 91 -5.34 20.36 -18.53
CA LEU A 91 -5.15 20.49 -19.96
C LEU A 91 -5.55 19.19 -20.62
N LYS A 92 -6.31 19.29 -21.70
CA LYS A 92 -6.82 18.14 -22.43
C LYS A 92 -6.19 18.14 -23.81
N LEU A 93 -5.34 17.15 -24.07
CA LEU A 93 -4.63 17.02 -25.34
C LEU A 93 -5.29 15.92 -26.17
N LYS A 94 -5.83 16.29 -27.33
CA LYS A 94 -6.38 15.30 -28.24
C LYS A 94 -5.23 14.67 -29.00
N VAL A 95 -5.23 13.35 -29.10
CA VAL A 95 -4.20 12.61 -29.81
C VAL A 95 -4.85 11.81 -30.93
N ASP A 96 -4.02 11.42 -31.90
CA ASP A 96 -4.52 10.73 -33.08
C ASP A 96 -4.71 9.23 -32.86
N THR A 97 -4.51 8.73 -31.64
CA THR A 97 -4.60 7.31 -31.33
C THR A 97 -5.51 7.11 -30.13
N ALA A 98 -6.32 6.06 -30.19
CA ALA A 98 -7.12 5.66 -29.05
C ALA A 98 -6.31 4.72 -28.18
N ASN A 99 -6.44 4.89 -26.86
CA ASN A 99 -5.83 3.95 -25.93
C ASN A 99 -6.64 2.66 -25.88
N PRO A 100 -6.13 1.54 -26.39
CA PRO A 100 -6.89 0.29 -26.30
C PRO A 100 -7.08 -0.19 -24.87
N LYS A 101 -6.23 0.24 -23.96
CA LYS A 101 -6.29 -0.20 -22.56
C LYS A 101 -7.21 0.67 -21.72
N THR A 102 -7.95 1.59 -22.34
CA THR A 102 -8.90 2.43 -21.62
C THR A 102 -9.89 1.58 -20.85
N PRO A 103 -9.98 1.73 -19.54
CA PRO A 103 -11.00 0.99 -18.79
C PRO A 103 -12.34 1.70 -18.89
N LYS A 104 -13.38 0.98 -18.49
CA LYS A 104 -14.61 1.66 -18.11
C LYS A 104 -14.27 2.62 -16.98
N TYR A 105 -14.72 3.87 -17.09
CA TYR A 105 -14.31 4.87 -16.12
C TYR A 105 -15.37 5.95 -16.01
N LYS A 106 -15.27 6.71 -14.93
CA LYS A 106 -16.06 7.91 -14.69
C LYS A 106 -15.19 8.90 -13.92
N PHE A 107 -15.59 10.17 -13.96
CA PHE A 107 -14.94 11.24 -13.23
C PHE A 107 -15.83 11.62 -12.06
N VAL A 108 -15.30 11.57 -10.84
CA VAL A 108 -16.07 11.94 -9.66
C VAL A 108 -15.29 12.93 -8.81
N ARG A 109 -16.04 13.72 -8.06
CA ARG A 109 -15.49 14.61 -7.06
C ARG A 109 -15.80 14.00 -5.70
N ILE A 110 -14.77 13.73 -4.91
CA ILE A 110 -15.00 13.06 -3.64
C ILE A 110 -15.16 14.10 -2.54
N GLN A 111 -15.75 13.65 -1.40
CA GLN A 111 -15.99 14.44 -0.21
C GLN A 111 -14.82 14.31 0.76
N PRO A 112 -14.56 15.33 1.57
CA PRO A 112 -13.52 15.18 2.58
C PRO A 112 -13.91 14.02 3.49
N GLY A 113 -12.91 13.29 3.93
CA GLY A 113 -13.11 12.09 4.70
C GLY A 113 -13.21 10.82 3.89
N GLN A 114 -13.51 10.91 2.60
CA GLN A 114 -13.49 9.75 1.73
C GLN A 114 -12.06 9.41 1.32
N THR A 115 -11.85 8.15 0.96
CA THR A 115 -10.53 7.65 0.68
C THR A 115 -10.40 7.27 -0.78
N PHE A 116 -9.16 7.13 -1.21
CA PHE A 116 -8.91 6.76 -2.59
C PHE A 116 -7.48 6.26 -2.69
N SER A 117 -7.24 5.49 -3.76
CA SER A 117 -5.90 5.02 -4.06
C SER A 117 -5.18 5.99 -4.96
N VAL A 118 -3.89 6.17 -4.72
CA VAL A 118 -3.03 7.01 -5.54
C VAL A 118 -2.04 6.12 -6.26
N LEU A 119 -1.92 6.31 -7.58
CA LEU A 119 -0.86 5.69 -8.36
C LEU A 119 0.19 6.75 -8.64
N ALA A 120 1.27 6.75 -7.85
CA ALA A 120 2.32 7.73 -8.01
C ALA A 120 3.19 7.35 -9.21
N CYS A 121 3.33 8.27 -10.17
CA CYS A 121 4.08 8.05 -11.39
C CYS A 121 5.13 9.12 -11.55
N TYR A 122 6.21 8.77 -12.26
CA TYR A 122 7.27 9.71 -12.66
C TYR A 122 7.64 9.42 -14.10
N ASN A 123 7.74 10.49 -14.91
CA ASN A 123 8.08 10.33 -16.33
C ASN A 123 7.15 9.33 -17.03
N GLY A 124 5.88 9.37 -16.65
CA GLY A 124 4.89 8.49 -17.23
C GLY A 124 4.93 7.05 -16.76
N SER A 125 5.82 6.70 -15.84
CA SER A 125 5.99 5.34 -15.37
C SER A 125 5.45 5.18 -13.96
N PRO A 126 4.56 4.21 -13.72
CA PRO A 126 4.07 3.97 -12.35
C PRO A 126 5.18 3.51 -11.42
N SER A 127 5.20 4.07 -10.21
CA SER A 127 6.22 3.76 -9.23
C SER A 127 5.68 3.16 -7.95
N GLY A 128 4.50 3.58 -7.50
CA GLY A 128 3.96 3.07 -6.25
C GLY A 128 2.47 3.32 -6.16
N VAL A 129 1.82 2.54 -5.32
CA VAL A 129 0.39 2.73 -5.10
C VAL A 129 0.13 2.72 -3.60
N TYR A 130 -0.69 3.65 -3.15
CA TYR A 130 -1.00 3.76 -1.73
C TYR A 130 -2.37 4.41 -1.56
N GLN A 131 -2.89 4.30 -0.34
CA GLN A 131 -4.21 4.79 0.00
C GLN A 131 -4.11 6.12 0.75
N CYS A 132 -5.01 7.05 0.42
CA CYS A 132 -5.02 8.41 0.94
C CYS A 132 -6.45 8.76 1.35
N ALA A 133 -6.59 9.78 2.17
CA ALA A 133 -7.91 10.34 2.45
C ALA A 133 -7.90 11.80 2.03
N MET A 134 -9.03 12.27 1.51
CA MET A 134 -9.23 13.70 1.35
C MET A 134 -9.42 14.31 2.74
N ARG A 135 -8.45 15.10 3.18
CA ARG A 135 -8.52 15.68 4.51
C ARG A 135 -9.70 16.65 4.61
N PRO A 136 -10.21 16.89 5.82
CA PRO A 136 -11.23 17.92 5.98
C PRO A 136 -10.82 19.28 5.47
N ASN A 137 -9.52 19.63 5.51
CA ASN A 137 -9.05 20.88 4.94
C ASN A 137 -8.65 20.74 3.48
N PHE A 138 -9.04 19.63 2.85
CA PHE A 138 -8.89 19.43 1.41
C PHE A 138 -7.44 19.29 0.96
N THR A 139 -6.54 19.00 1.88
CA THR A 139 -5.22 18.52 1.51
C THR A 139 -5.22 17.01 1.48
N ILE A 140 -4.15 16.42 0.98
CA ILE A 140 -3.92 14.99 1.14
C ILE A 140 -2.51 14.79 1.64
N LYS A 141 -2.35 13.82 2.54
CA LYS A 141 -1.02 13.49 3.04
C LYS A 141 -0.48 12.43 2.10
N GLY A 142 0.15 12.89 1.02
CA GLY A 142 0.67 12.01 0.01
C GLY A 142 2.18 11.82 0.16
N SER A 143 2.71 11.01 -0.77
CA SER A 143 4.15 10.80 -0.91
C SER A 143 4.35 11.12 -2.39
N PHE A 144 4.63 12.38 -2.63
CA PHE A 144 4.81 12.91 -3.98
C PHE A 144 6.11 13.68 -4.02
N LEU A 145 6.93 13.42 -5.03
CA LEU A 145 8.18 14.11 -5.25
C LEU A 145 8.13 14.90 -6.56
N ASN A 146 9.24 15.54 -6.90
CA ASN A 146 9.34 16.19 -8.20
C ASN A 146 9.02 15.21 -9.33
N GLY A 147 8.20 15.66 -10.27
CA GLY A 147 7.84 14.87 -11.42
C GLY A 147 6.57 14.09 -11.24
N SER A 148 5.97 14.12 -10.05
CA SER A 148 4.79 13.33 -9.76
C SER A 148 3.50 13.95 -10.27
N CYS A 149 3.51 15.21 -10.72
CA CYS A 149 2.27 15.85 -11.14
C CYS A 149 1.61 15.06 -12.26
N GLY A 150 0.28 15.03 -12.22
CA GLY A 150 -0.49 14.24 -13.16
C GLY A 150 -0.77 12.84 -12.68
N SER A 151 -0.09 12.40 -11.63
CA SER A 151 -0.52 11.19 -10.94
C SER A 151 -1.97 11.36 -10.50
N VAL A 152 -2.72 10.26 -10.51
CA VAL A 152 -4.15 10.33 -10.25
C VAL A 152 -4.53 9.45 -9.07
N GLY A 153 -5.64 9.82 -8.46
CA GLY A 153 -6.26 9.06 -7.39
C GLY A 153 -7.59 8.51 -7.87
N PHE A 154 -7.97 7.34 -7.37
CA PHE A 154 -9.10 6.62 -7.95
C PHE A 154 -9.65 5.61 -6.96
N ASN A 155 -10.88 5.17 -7.25
CA ASN A 155 -11.53 4.05 -6.59
C ASN A 155 -12.07 3.12 -7.68
N ILE A 156 -12.30 1.85 -7.34
CA ILE A 156 -12.78 0.89 -8.33
C ILE A 156 -14.01 0.21 -7.76
N ASP A 157 -15.14 0.34 -8.47
CA ASP A 157 -16.41 -0.32 -8.12
C ASP A 157 -16.75 -1.27 -9.25
N TYR A 158 -16.71 -2.57 -8.98
CA TYR A 158 -16.88 -3.60 -10.01
C TYR A 158 -15.71 -3.46 -10.97
N ASP A 159 -15.93 -3.27 -12.27
CA ASP A 159 -14.84 -3.10 -13.22
C ASP A 159 -14.63 -1.63 -13.61
N CYS A 160 -15.27 -0.70 -12.89
CA CYS A 160 -15.29 0.70 -13.27
C CYS A 160 -14.34 1.51 -12.39
N VAL A 161 -13.46 2.27 -13.04
CA VAL A 161 -12.52 3.14 -12.34
C VAL A 161 -13.13 4.52 -12.23
N SER A 162 -13.34 4.99 -11.00
CA SER A 162 -13.79 6.35 -10.73
C SER A 162 -12.58 7.21 -10.38
N PHE A 163 -12.20 8.09 -11.29
CA PHE A 163 -11.08 9.00 -11.07
C PHE A 163 -11.56 10.19 -10.25
N CYS A 164 -10.84 10.50 -9.17
CA CYS A 164 -11.25 11.60 -8.30
C CYS A 164 -10.16 12.62 -7.99
N TYR A 165 -8.92 12.37 -8.38
CA TYR A 165 -7.83 13.27 -7.97
C TYR A 165 -6.76 13.30 -9.04
N MET A 166 -6.23 14.50 -9.33
CA MET A 166 -5.02 14.64 -10.12
C MET A 166 -4.05 15.55 -9.37
N HIS A 167 -2.80 15.17 -9.33
CA HIS A 167 -1.84 15.82 -8.45
C HIS A 167 -1.21 17.06 -9.09
N HIS A 168 -1.15 18.16 -8.33
CA HIS A 168 -0.53 19.40 -8.79
C HIS A 168 0.58 20.00 -7.93
N MET A 169 0.56 19.87 -6.60
CA MET A 169 1.53 20.65 -5.85
C MET A 169 1.73 20.15 -4.43
N GLU A 170 2.81 20.61 -3.84
CA GLU A 170 3.14 20.35 -2.43
C GLU A 170 3.10 21.68 -1.68
N LEU A 171 2.59 21.66 -0.45
CA LEU A 171 2.58 22.86 0.37
C LEU A 171 3.79 22.89 1.29
N PRO A 172 4.10 24.05 1.86
CA PRO A 172 5.28 24.13 2.73
C PRO A 172 5.32 23.14 3.86
N THR A 173 4.17 22.72 4.39
CA THR A 173 4.10 21.76 5.48
C THR A 173 4.39 20.34 5.03
N GLY A 174 4.54 20.10 3.72
CA GLY A 174 4.78 18.77 3.21
C GLY A 174 3.55 18.01 2.75
N VAL A 175 2.35 18.54 2.98
CA VAL A 175 1.15 17.89 2.46
C VAL A 175 0.92 18.36 1.03
N HIS A 176 -0.11 17.82 0.39
CA HIS A 176 -0.26 17.92 -1.06
C HIS A 176 -1.65 18.42 -1.43
N ALA A 177 -1.72 19.03 -2.63
CA ALA A 177 -2.97 19.58 -3.13
C ALA A 177 -3.11 19.29 -4.62
N GLY A 178 -4.36 19.21 -5.05
CA GLY A 178 -4.64 18.89 -6.43
C GLY A 178 -6.10 19.10 -6.74
N THR A 179 -6.52 18.54 -7.88
CA THR A 179 -7.82 18.82 -8.47
C THR A 179 -8.57 17.52 -8.75
N ASP A 180 -9.86 17.66 -9.06
CA ASP A 180 -10.60 16.56 -9.65
C ASP A 180 -10.27 16.52 -11.15
N LEU A 181 -10.89 15.61 -11.88
CA LEU A 181 -10.50 15.45 -13.28
C LEU A 181 -11.21 16.45 -14.17
N GLU A 182 -12.04 17.31 -13.59
CA GLU A 182 -12.55 18.51 -14.23
C GLU A 182 -11.65 19.70 -14.01
N GLY A 183 -10.55 19.54 -13.26
CA GLY A 183 -9.59 20.60 -13.08
C GLY A 183 -9.90 21.58 -11.95
N ASN A 184 -10.89 21.28 -11.11
CA ASN A 184 -11.20 22.13 -9.97
C ASN A 184 -10.43 21.66 -8.75
N PHE A 185 -9.66 22.57 -8.14
CA PHE A 185 -8.94 22.21 -6.94
C PHE A 185 -9.89 21.75 -5.85
N TYR A 186 -9.38 20.80 -5.08
CA TYR A 186 -9.88 20.57 -3.74
C TYR A 186 -9.22 21.60 -2.84
N GLY A 187 -10.02 22.41 -2.17
CA GLY A 187 -9.49 23.40 -1.27
C GLY A 187 -9.17 24.73 -1.91
N PRO A 188 -8.67 25.65 -1.08
CA PRO A 188 -8.47 27.05 -1.51
C PRO A 188 -7.14 27.30 -2.19
N PHE A 189 -6.66 26.33 -2.95
CA PHE A 189 -5.31 26.40 -3.47
C PHE A 189 -5.33 26.82 -4.93
N VAL A 190 -4.16 27.24 -5.40
CA VAL A 190 -4.02 27.85 -6.71
C VAL A 190 -2.75 27.32 -7.35
N ASP A 191 -2.81 26.97 -8.65
CA ASP A 191 -1.64 26.43 -9.33
C ASP A 191 -0.73 27.58 -9.77
N ARG A 192 -0.16 28.25 -8.77
CA ARG A 192 0.94 29.19 -8.95
C ARG A 192 2.04 28.86 -7.95
N GLN A 193 3.28 29.23 -8.29
CA GLN A 193 4.45 28.83 -7.51
C GLN A 193 4.58 29.82 -6.35
N THR A 194 3.73 29.62 -5.35
CA THR A 194 3.73 30.41 -4.12
C THR A 194 3.55 29.48 -2.93
N ALA A 195 4.06 29.91 -1.78
CA ALA A 195 3.88 29.16 -0.55
C ALA A 195 2.46 29.37 -0.03
N GLN A 196 1.71 28.28 0.03
CA GLN A 196 0.30 28.31 0.41
C GLN A 196 0.04 27.48 1.64
N ALA A 197 -0.58 28.10 2.64
CA ALA A 197 -1.03 27.39 3.83
C ALA A 197 -2.46 26.90 3.65
N ALA A 198 -2.80 25.84 4.37
CA ALA A 198 -4.15 25.29 4.36
C ALA A 198 -4.92 25.74 5.59
N GLY A 199 -6.23 25.57 5.53
CA GLY A 199 -7.03 25.72 6.72
C GLY A 199 -6.59 24.73 7.79
N THR A 200 -6.98 25.02 9.02
CA THR A 200 -6.68 24.10 10.12
C THR A 200 -7.26 22.73 9.82
N ASP A 201 -6.44 21.69 9.95
CA ASP A 201 -6.97 20.37 9.68
C ASP A 201 -7.72 19.85 10.90
N THR A 202 -8.57 18.87 10.66
CA THR A 202 -9.25 18.18 11.74
C THR A 202 -9.19 16.69 11.46
N THR A 203 -9.53 15.91 12.49
CA THR A 203 -9.50 14.47 12.40
C THR A 203 -10.85 13.93 11.95
N ILE A 204 -10.82 12.89 11.12
CA ILE A 204 -12.04 12.36 10.50
C ILE A 204 -12.63 11.35 11.48
N THR A 205 -13.55 11.83 12.32
CA THR A 205 -14.04 11.06 13.47
C THR A 205 -14.71 9.74 13.05
N VAL A 206 -15.60 9.79 12.06
CA VAL A 206 -16.26 8.56 11.65
C VAL A 206 -15.24 7.51 11.22
N ASN A 207 -14.11 7.96 10.65
CA ASN A 207 -13.07 7.03 10.24
C ASN A 207 -12.30 6.48 11.44
N VAL A 208 -12.04 7.32 12.45
CA VAL A 208 -11.42 6.81 13.68
C VAL A 208 -12.30 5.73 14.29
N LEU A 209 -13.62 5.95 14.33
CA LEU A 209 -14.49 4.94 14.93
C LEU A 209 -14.48 3.65 14.14
N ALA A 210 -14.46 3.75 12.81
CA ALA A 210 -14.40 2.54 12.00
C ALA A 210 -13.12 1.77 12.29
N TRP A 211 -12.03 2.50 12.50
CA TRP A 211 -10.76 1.86 12.78
C TRP A 211 -10.78 1.19 14.15
N LEU A 212 -11.41 1.82 15.15
CA LEU A 212 -11.56 1.18 16.46
C LEU A 212 -12.37 -0.11 16.34
N TYR A 213 -13.44 -0.09 15.54
CA TYR A 213 -14.17 -1.33 15.28
C TYR A 213 -13.29 -2.38 14.61
N ALA A 214 -12.47 -1.95 13.65
CA ALA A 214 -11.52 -2.88 13.03
C ALA A 214 -10.61 -3.51 14.08
N ALA A 215 -10.17 -2.71 15.06
CA ALA A 215 -9.27 -3.23 16.08
C ALA A 215 -9.98 -4.27 16.92
N VAL A 216 -11.27 -4.07 17.20
CA VAL A 216 -12.03 -5.05 17.95
C VAL A 216 -12.18 -6.33 17.13
N ILE A 217 -12.56 -6.19 15.86
CA ILE A 217 -12.72 -7.35 14.99
C ILE A 217 -11.48 -8.21 14.98
N ASN A 218 -10.30 -7.59 15.07
CA ASN A 218 -9.03 -8.31 15.13
C ASN A 218 -8.58 -8.62 16.56
N GLY A 219 -9.49 -8.55 17.52
CA GLY A 219 -9.27 -9.15 18.81
C GLY A 219 -8.66 -8.24 19.86
N ASP A 220 -8.69 -6.92 19.66
CA ASP A 220 -8.17 -6.00 20.64
C ASP A 220 -9.29 -5.13 21.17
N ARG A 221 -9.45 -5.08 22.50
CA ARG A 221 -10.52 -4.26 23.07
C ARG A 221 -10.07 -3.45 24.28
N TRP A 222 -8.76 -3.25 24.46
CA TRP A 222 -8.29 -2.66 25.71
C TRP A 222 -8.86 -1.28 25.94
N PHE A 223 -9.21 -0.56 24.85
CA PHE A 223 -9.68 0.81 24.90
C PHE A 223 -11.19 0.93 25.16
N LEU A 224 -11.94 -0.17 25.12
CA LEU A 224 -13.37 -0.10 25.45
C LEU A 224 -13.57 0.28 26.92
N ASN A 225 -14.78 0.73 27.22
CA ASN A 225 -15.13 1.04 28.60
C ASN A 225 -16.63 0.77 28.79
N ARG A 226 -17.07 0.83 30.04
CA ARG A 226 -18.46 0.49 30.37
C ARG A 226 -19.41 1.65 30.17
N PHE A 227 -18.96 2.76 29.60
CA PHE A 227 -19.74 3.98 29.56
C PHE A 227 -20.39 4.19 28.18
N THR A 228 -21.31 5.14 28.16
CA THR A 228 -21.93 5.59 26.93
C THR A 228 -21.97 7.12 26.93
N THR A 229 -22.49 7.67 25.85
CA THR A 229 -22.57 9.12 25.70
C THR A 229 -23.72 9.40 24.77
N THR A 230 -24.27 10.60 24.88
CA THR A 230 -25.16 11.07 23.83
C THR A 230 -24.33 11.56 22.65
N LEU A 231 -24.98 11.66 21.50
CA LEU A 231 -24.29 12.10 20.30
C LEU A 231 -23.80 13.52 20.47
N ASN A 232 -24.63 14.39 21.04
CA ASN A 232 -24.23 15.79 21.16
C ASN A 232 -23.11 15.98 22.17
N ASP A 233 -23.18 15.28 23.31
CA ASP A 233 -22.09 15.37 24.28
C ASP A 233 -20.79 14.85 23.71
N PHE A 234 -20.86 13.78 22.91
CA PHE A 234 -19.67 13.34 22.19
C PHE A 234 -19.16 14.43 21.26
N ASN A 235 -20.06 15.02 20.47
CA ASN A 235 -19.63 16.00 19.48
C ASN A 235 -19.03 17.23 20.15
N LEU A 236 -19.52 17.61 21.34
CA LEU A 236 -18.92 18.74 22.03
C LEU A 236 -17.45 18.47 22.33
N VAL A 237 -17.15 17.28 22.84
CA VAL A 237 -15.78 16.91 23.20
C VAL A 237 -14.94 16.73 21.94
N ALA A 238 -15.51 16.06 20.93
CA ALA A 238 -14.81 15.89 19.67
C ALA A 238 -14.33 17.22 19.11
N MET A 239 -15.24 18.21 19.05
CA MET A 239 -14.88 19.48 18.45
C MET A 239 -13.82 20.19 19.29
N LYS A 240 -13.85 20.00 20.59
CA LYS A 240 -12.83 20.62 21.43
C LYS A 240 -11.44 20.12 21.06
N TYR A 241 -11.33 18.86 20.65
CA TYR A 241 -10.06 18.24 20.28
C TYR A 241 -9.79 18.32 18.80
N ASN A 242 -10.52 19.17 18.08
CA ASN A 242 -10.35 19.35 16.63
C ASN A 242 -10.65 18.05 15.87
N TYR A 243 -11.68 17.34 16.33
CA TYR A 243 -12.27 16.22 15.60
C TYR A 243 -13.56 16.67 14.93
N GLU A 244 -13.83 16.12 13.73
CA GLU A 244 -15.06 16.42 13.03
C GLU A 244 -16.27 15.99 13.85
N PRO A 245 -17.38 16.71 13.79
CA PRO A 245 -18.60 16.22 14.42
C PRO A 245 -19.09 14.97 13.70
N LEU A 246 -19.75 14.10 14.46
CA LEU A 246 -20.33 12.89 13.92
C LEU A 246 -21.81 13.18 13.63
N THR A 247 -22.22 12.94 12.39
CA THR A 247 -23.62 13.11 12.00
C THR A 247 -24.40 11.81 12.20
N GLN A 248 -25.73 11.92 12.15
CA GLN A 248 -26.56 10.72 12.22
C GLN A 248 -26.33 9.81 11.02
N ASP A 249 -26.01 10.37 9.85
CA ASP A 249 -25.65 9.51 8.73
C ASP A 249 -24.39 8.71 9.05
N HIS A 250 -23.39 9.35 9.65
CA HIS A 250 -22.20 8.64 10.10
C HIS A 250 -22.56 7.51 11.05
N VAL A 251 -23.46 7.77 11.99
CA VAL A 251 -23.92 6.72 12.90
C VAL A 251 -24.53 5.58 12.12
N ASP A 252 -25.40 5.90 11.15
CA ASP A 252 -26.03 4.86 10.35
C ASP A 252 -25.00 4.06 9.57
N ILE A 253 -24.01 4.74 8.99
CA ILE A 253 -22.99 4.07 8.20
C ILE A 253 -22.19 3.09 9.05
N LEU A 254 -22.07 3.35 10.35
CA LEU A 254 -21.35 2.44 11.24
C LEU A 254 -22.20 1.27 11.71
N GLY A 255 -23.45 1.18 11.25
CA GLY A 255 -24.34 0.13 11.66
C GLY A 255 -23.75 -1.26 11.54
N PRO A 256 -23.25 -1.62 10.35
CA PRO A 256 -22.76 -3.00 10.17
C PRO A 256 -21.62 -3.36 11.07
N LEU A 257 -20.70 -2.42 11.33
CA LEU A 257 -19.62 -2.70 12.25
C LEU A 257 -20.16 -2.82 13.67
N SER A 258 -21.11 -1.97 14.02
CA SER A 258 -21.75 -2.10 15.33
C SER A 258 -22.42 -3.46 15.47
N ALA A 259 -23.22 -3.85 14.47
CA ALA A 259 -23.90 -5.15 14.52
C ALA A 259 -22.89 -6.28 14.62
N GLN A 260 -21.84 -6.24 13.79
CA GLN A 260 -20.88 -7.34 13.73
C GLN A 260 -20.14 -7.53 15.05
N THR A 261 -19.88 -6.44 15.79
CA THR A 261 -19.12 -6.52 17.03
C THR A 261 -19.98 -6.49 18.27
N GLY A 262 -21.26 -6.13 18.15
CA GLY A 262 -22.09 -5.99 19.32
C GLY A 262 -21.77 -4.79 20.19
N ILE A 263 -21.14 -3.76 19.61
CA ILE A 263 -20.75 -2.55 20.32
C ILE A 263 -21.53 -1.39 19.70
N ALA A 264 -22.46 -0.84 20.47
CA ALA A 264 -23.25 0.28 19.99
C ALA A 264 -22.34 1.43 19.58
N VAL A 265 -22.74 2.12 18.52
CA VAL A 265 -21.93 3.22 18.02
C VAL A 265 -21.63 4.21 19.15
N LEU A 266 -22.64 4.56 19.92
CA LEU A 266 -22.43 5.55 20.98
C LEU A 266 -21.58 5.00 22.12
N ASP A 267 -21.53 3.69 22.30
CA ASP A 267 -20.56 3.12 23.23
C ASP A 267 -19.14 3.27 22.67
N MET A 268 -18.96 3.05 21.37
CA MET A 268 -17.64 3.27 20.80
C MET A 268 -17.26 4.74 20.89
N CYS A 269 -18.25 5.64 20.80
CA CYS A 269 -17.95 7.07 20.97
C CYS A 269 -17.48 7.37 22.39
N ALA A 270 -18.07 6.71 23.38
CA ALA A 270 -17.61 6.87 24.76
C ALA A 270 -16.19 6.34 24.93
N SER A 271 -15.83 5.28 24.21
CA SER A 271 -14.45 4.81 24.20
C SER A 271 -13.51 5.85 23.60
N LEU A 272 -13.86 6.38 22.43
CA LEU A 272 -13.00 7.39 21.81
C LEU A 272 -12.88 8.62 22.70
N LYS A 273 -13.98 9.01 23.35
CA LYS A 273 -13.91 10.16 24.24
C LYS A 273 -12.88 9.95 25.34
N GLU A 274 -12.84 8.74 25.92
CA GLU A 274 -11.85 8.46 26.96
C GLU A 274 -10.44 8.54 26.39
N LEU A 275 -10.23 8.00 25.19
CA LEU A 275 -8.91 8.08 24.56
C LEU A 275 -8.49 9.52 24.30
N LEU A 276 -9.44 10.37 23.89
CA LEU A 276 -9.08 11.76 23.66
C LEU A 276 -8.71 12.47 24.95
N GLN A 277 -9.38 12.12 26.05
CA GLN A 277 -9.13 12.80 27.32
C GLN A 277 -7.95 12.19 28.06
N ASN A 278 -7.73 10.88 27.93
CA ASN A 278 -6.69 10.21 28.71
C ASN A 278 -5.45 9.86 27.89
N GLY A 279 -5.49 10.05 26.57
CA GLY A 279 -4.44 9.53 25.73
C GLY A 279 -4.43 8.01 25.76
N MET A 280 -3.37 7.46 25.20
CA MET A 280 -3.23 6.01 25.03
C MET A 280 -2.32 5.38 26.08
N ASN A 281 -1.72 6.19 26.96
CA ASN A 281 -0.94 5.69 28.08
C ASN A 281 0.17 4.74 27.60
N GLY A 282 0.77 5.08 26.45
CA GLY A 282 1.82 4.28 25.87
C GLY A 282 1.34 3.08 25.09
N ARG A 283 0.10 2.66 25.28
CA ARG A 283 -0.45 1.55 24.52
C ARG A 283 -0.48 1.87 23.03
N THR A 284 -0.80 0.86 22.23
CA THR A 284 -1.00 1.03 20.80
C THR A 284 -2.26 0.28 20.38
N ILE A 285 -2.85 0.73 19.27
CA ILE A 285 -4.00 0.10 18.66
C ILE A 285 -3.62 -0.27 17.23
N LEU A 286 -3.82 -1.55 16.88
CA LEU A 286 -3.47 -2.06 15.55
C LEU A 286 -2.07 -1.61 15.13
N GLY A 287 -1.14 -1.63 16.08
CA GLY A 287 0.23 -1.23 15.85
C GLY A 287 0.51 0.25 15.91
N SER A 288 -0.52 1.09 16.03
CA SER A 288 -0.36 2.54 15.96
C SER A 288 -0.38 3.17 17.34
N ALA A 289 0.48 4.18 17.52
CA ALA A 289 0.46 5.03 18.69
C ALA A 289 -0.48 6.22 18.56
N LEU A 290 -1.00 6.48 17.37
CA LEU A 290 -1.94 7.56 17.13
C LEU A 290 -3.25 6.98 16.59
N LEU A 291 -4.33 7.73 16.78
CA LEU A 291 -5.63 7.29 16.27
C LEU A 291 -5.70 7.50 14.76
N GLU A 292 -5.86 6.43 14.01
CA GLU A 292 -5.81 6.50 12.55
C GLU A 292 -7.17 6.90 11.98
N ASP A 293 -7.17 7.84 11.04
CA ASP A 293 -8.44 8.33 10.51
C ASP A 293 -8.52 8.27 8.99
N GLU A 294 -7.76 7.41 8.32
CA GLU A 294 -7.85 7.28 6.86
C GLU A 294 -8.35 5.90 6.42
N PHE A 295 -9.15 5.24 7.27
CA PHE A 295 -10.01 4.12 6.89
C PHE A 295 -11.46 4.50 7.10
N THR A 296 -12.25 4.44 6.04
CA THR A 296 -13.68 4.66 6.13
C THR A 296 -14.38 3.41 6.64
N PRO A 297 -15.65 3.55 7.06
CA PRO A 297 -16.42 2.35 7.43
C PRO A 297 -16.52 1.35 6.30
N PHE A 298 -16.69 1.82 5.06
CA PHE A 298 -16.74 0.90 3.91
C PHE A 298 -15.44 0.14 3.76
N ASP A 299 -14.31 0.85 3.84
CA ASP A 299 -13.00 0.23 3.77
C ASP A 299 -12.89 -0.92 4.75
N VAL A 300 -13.18 -0.64 6.02
CA VAL A 300 -13.07 -1.66 7.06
C VAL A 300 -13.96 -2.85 6.73
N VAL A 301 -15.22 -2.60 6.37
CA VAL A 301 -16.15 -3.68 6.09
C VAL A 301 -15.59 -4.58 5.00
N ARG A 302 -15.22 -3.99 3.86
CA ARG A 302 -14.71 -4.77 2.74
C ARG A 302 -13.54 -5.65 3.16
N GLN A 303 -12.58 -5.08 3.90
CA GLN A 303 -11.37 -5.81 4.25
C GLN A 303 -11.58 -6.85 5.34
N CYS A 304 -12.58 -6.68 6.19
CA CYS A 304 -12.84 -7.64 7.27
C CYS A 304 -13.98 -8.59 6.90
N PHE B 7 5.95 9.24 6.22
CA PHE B 7 6.26 8.07 5.42
C PHE B 7 5.06 7.13 5.30
N ARG B 8 4.65 6.85 4.07
CA ARG B 8 3.54 5.96 3.79
C ARG B 8 4.03 4.53 3.56
N LYS B 9 3.20 3.56 3.95
CA LYS B 9 3.33 2.21 3.42
C LYS B 9 2.91 2.26 1.95
N MET B 10 3.86 2.03 1.05
CA MET B 10 3.64 2.18 -0.38
C MET B 10 3.91 0.87 -1.07
N ALA B 11 2.93 0.37 -1.81
CA ALA B 11 3.06 -0.87 -2.57
C ALA B 11 3.59 -0.58 -3.96
N PHE B 12 4.12 -1.62 -4.59
CA PHE B 12 4.41 -1.55 -6.02
C PHE B 12 3.13 -1.55 -6.84
N PRO B 13 3.15 -0.94 -8.03
CA PRO B 13 1.98 -1.07 -8.91
C PRO B 13 1.74 -2.55 -9.20
N SER B 14 0.49 -2.96 -9.18
CA SER B 14 0.14 -4.38 -9.17
C SER B 14 -0.19 -4.90 -10.56
N GLY B 15 -0.14 -4.06 -11.58
CA GLY B 15 -0.69 -4.47 -12.87
C GLY B 15 0.01 -5.67 -13.47
N LYS B 16 1.34 -5.70 -13.40
CA LYS B 16 2.06 -6.82 -13.99
C LYS B 16 1.69 -8.13 -13.31
N VAL B 17 1.32 -8.08 -12.02
CA VAL B 17 0.91 -9.29 -11.30
C VAL B 17 -0.56 -9.60 -11.53
N GLU B 18 -1.41 -8.59 -11.65
CA GLU B 18 -2.82 -8.83 -11.95
C GLU B 18 -2.95 -9.66 -13.20
N GLY B 19 -2.14 -9.37 -14.21
CA GLY B 19 -2.16 -10.06 -15.47
C GLY B 19 -1.72 -11.52 -15.38
N CYS B 20 -1.31 -11.99 -14.21
CA CYS B 20 -0.90 -13.38 -14.01
C CYS B 20 -1.80 -14.16 -13.09
N MET B 21 -2.83 -13.53 -12.50
CA MET B 21 -3.67 -14.22 -11.54
C MET B 21 -4.75 -15.04 -12.24
N VAL B 22 -4.90 -16.29 -11.80
CA VAL B 22 -5.96 -17.17 -12.24
C VAL B 22 -6.56 -17.86 -11.03
N GLN B 23 -7.61 -18.64 -11.24
CA GLN B 23 -8.17 -19.45 -10.18
C GLN B 23 -8.00 -20.92 -10.54
N VAL B 24 -7.81 -21.73 -9.50
CA VAL B 24 -7.60 -23.16 -9.62
C VAL B 24 -8.59 -23.83 -8.69
N THR B 25 -9.36 -24.78 -9.24
CA THR B 25 -10.38 -25.48 -8.47
C THR B 25 -10.20 -26.97 -8.63
N CYS B 26 -10.34 -27.67 -7.50
CA CYS B 26 -10.43 -29.12 -7.44
CA CYS B 26 -10.43 -29.12 -7.46
C CYS B 26 -11.69 -29.45 -6.66
N GLY B 27 -12.64 -30.13 -7.31
CA GLY B 27 -13.89 -30.37 -6.61
C GLY B 27 -14.60 -29.05 -6.37
N THR B 28 -14.81 -28.70 -5.10
CA THR B 28 -15.31 -27.36 -4.76
C THR B 28 -14.25 -26.49 -4.11
N THR B 29 -13.05 -27.01 -3.87
CA THR B 29 -11.97 -26.23 -3.26
C THR B 29 -11.38 -25.31 -4.33
N THR B 30 -11.44 -24.00 -4.09
CA THR B 30 -10.98 -23.03 -5.06
C THR B 30 -9.96 -22.11 -4.39
N LEU B 31 -8.87 -21.83 -5.10
CA LEU B 31 -7.94 -20.80 -4.64
C LEU B 31 -7.33 -20.16 -5.87
N ASN B 32 -6.32 -19.32 -5.63
CA ASN B 32 -5.69 -18.55 -6.69
C ASN B 32 -4.41 -19.24 -7.16
N GLY B 33 -4.06 -18.99 -8.42
CA GLY B 33 -2.80 -19.46 -8.95
C GLY B 33 -2.13 -18.36 -9.73
N LEU B 34 -0.84 -18.56 -10.01
CA LEU B 34 0.02 -17.63 -10.71
C LEU B 34 0.39 -18.26 -12.04
N TRP B 35 0.02 -17.60 -13.13
CA TRP B 35 0.15 -18.11 -14.50
C TRP B 35 1.31 -17.38 -15.17
N LEU B 36 2.43 -18.08 -15.37
CA LEU B 36 3.64 -17.51 -15.97
C LEU B 36 4.08 -18.42 -17.10
N ASP B 37 4.19 -17.86 -18.31
CA ASP B 37 4.42 -18.69 -19.51
C ASP B 37 3.32 -19.75 -19.53
N ASP B 38 3.65 -21.05 -19.67
CA ASP B 38 2.62 -22.08 -19.73
C ASP B 38 2.56 -22.92 -18.46
N VAL B 39 2.86 -22.32 -17.32
CA VAL B 39 2.75 -23.00 -16.02
C VAL B 39 1.91 -22.15 -15.09
N VAL B 40 1.04 -22.82 -14.31
CA VAL B 40 0.28 -22.22 -13.23
C VAL B 40 0.79 -22.78 -11.91
N TYR B 41 1.13 -21.88 -10.99
CA TYR B 41 1.64 -22.26 -9.68
C TYR B 41 0.57 -22.02 -8.63
N CYS B 42 0.34 -22.97 -7.72
CA CYS B 42 -0.66 -22.74 -6.69
C CYS B 42 -0.35 -23.60 -5.47
N PRO B 43 -0.94 -23.29 -4.31
CA PRO B 43 -0.73 -24.13 -3.13
C PRO B 43 -1.24 -25.53 -3.37
N ARG B 44 -0.48 -26.52 -2.89
CA ARG B 44 -0.88 -27.90 -3.16
C ARG B 44 -2.16 -28.30 -2.43
N HIS B 45 -2.57 -27.57 -1.38
CA HIS B 45 -3.76 -28.03 -0.66
C HIS B 45 -5.05 -27.78 -1.44
N VAL B 46 -4.95 -27.25 -2.66
CA VAL B 46 -6.15 -27.23 -3.50
C VAL B 46 -6.69 -28.65 -3.70
N ILE B 47 -5.84 -29.67 -3.60
CA ILE B 47 -6.30 -31.04 -3.85
C ILE B 47 -7.00 -31.67 -2.65
N CYS B 48 -7.10 -30.95 -1.54
CA CYS B 48 -7.69 -31.45 -0.30
C CYS B 48 -9.16 -31.05 -0.20
N THR B 49 -9.99 -31.99 0.23
CA THR B 49 -11.25 -31.53 0.80
C THR B 49 -10.97 -30.85 2.14
N SER B 50 -11.97 -30.14 2.66
CA SER B 50 -11.79 -29.51 3.97
C SER B 50 -11.43 -30.54 5.03
N GLU B 51 -12.00 -31.76 4.95
CA GLU B 51 -11.66 -32.78 5.93
C GLU B 51 -10.26 -33.33 5.72
N ASP B 52 -9.81 -33.44 4.45
CA ASP B 52 -8.42 -33.83 4.18
C ASP B 52 -7.43 -32.88 4.85
N MET B 53 -7.81 -31.61 4.99
CA MET B 53 -6.87 -30.59 5.45
C MET B 53 -6.46 -30.78 6.89
N LEU B 54 -7.25 -31.53 7.67
CA LEU B 54 -6.89 -31.78 9.06
C LEU B 54 -5.63 -32.62 9.17
N ASN B 55 -5.36 -33.45 8.18
CA ASN B 55 -4.27 -34.41 8.27
C ASN B 55 -3.96 -34.99 6.90
N PRO B 56 -3.48 -34.18 5.97
CA PRO B 56 -3.38 -34.62 4.58
C PRO B 56 -2.15 -35.46 4.32
N ASN B 57 -2.31 -36.45 3.44
CA ASN B 57 -1.19 -37.20 2.86
C ASN B 57 -1.12 -36.75 1.40
N TYR B 58 -0.27 -35.75 1.12
CA TYR B 58 -0.33 -35.09 -0.17
C TYR B 58 0.08 -36.02 -1.30
N GLU B 59 1.09 -36.87 -1.06
CA GLU B 59 1.53 -37.78 -2.11
C GLU B 59 0.43 -38.74 -2.49
N ASP B 60 -0.23 -39.32 -1.48
CA ASP B 60 -1.35 -40.22 -1.76
C ASP B 60 -2.50 -39.48 -2.42
N LEU B 61 -2.80 -38.26 -1.96
CA LEU B 61 -3.87 -37.50 -2.58
C LEU B 61 -3.58 -37.20 -4.04
N LEU B 62 -2.30 -36.93 -4.36
CA LEU B 62 -1.94 -36.52 -5.71
C LEU B 62 -1.97 -37.69 -6.69
N ILE B 63 -1.58 -38.88 -6.22
CA ILE B 63 -1.57 -40.04 -7.12
C ILE B 63 -2.98 -40.32 -7.63
N ARG B 64 -4.00 -39.97 -6.85
CA ARG B 64 -5.38 -40.18 -7.23
C ARG B 64 -5.90 -39.11 -8.19
N LYS B 65 -5.11 -38.10 -8.49
CA LYS B 65 -5.54 -36.99 -9.33
C LYS B 65 -5.00 -37.14 -10.74
N SER B 66 -5.77 -36.61 -11.71
CA SER B 66 -5.36 -36.53 -13.10
C SER B 66 -5.45 -35.08 -13.57
N ASN B 67 -4.82 -34.83 -14.72
CA ASN B 67 -4.91 -33.50 -15.32
C ASN B 67 -6.35 -33.02 -15.40
N HIS B 68 -7.26 -33.91 -15.78
CA HIS B 68 -8.64 -33.49 -16.01
C HIS B 68 -9.42 -33.28 -14.72
N ASN B 69 -8.79 -33.41 -13.54
CA ASN B 69 -9.44 -33.04 -12.29
C ASN B 69 -9.19 -31.57 -11.90
N PHE B 70 -8.33 -30.87 -12.63
CA PHE B 70 -7.95 -29.49 -12.31
C PHE B 70 -8.68 -28.53 -13.24
N LEU B 71 -9.42 -27.57 -12.66
CA LEU B 71 -10.09 -26.52 -13.40
C LEU B 71 -9.31 -25.23 -13.18
N VAL B 72 -8.63 -24.77 -14.22
CA VAL B 72 -7.89 -23.52 -14.17
C VAL B 72 -8.63 -22.53 -15.04
N GLN B 73 -8.93 -21.35 -14.50
CA GLN B 73 -9.70 -20.36 -15.21
C GLN B 73 -9.04 -19.00 -15.08
N ALA B 74 -8.89 -18.30 -16.20
CA ALA B 74 -8.56 -16.88 -16.19
C ALA B 74 -9.88 -16.15 -16.37
N GLY B 75 -10.36 -15.52 -15.30
CA GLY B 75 -11.75 -15.11 -15.31
C GLY B 75 -12.64 -16.32 -15.46
N ASN B 76 -13.52 -16.30 -16.46
CA ASN B 76 -14.39 -17.45 -16.75
C ASN B 76 -13.88 -18.31 -17.88
N VAL B 77 -12.66 -18.07 -18.37
CA VAL B 77 -12.12 -18.76 -19.52
C VAL B 77 -11.24 -19.91 -19.04
N GLN B 78 -11.60 -21.13 -19.41
CA GLN B 78 -10.87 -22.30 -18.93
C GLN B 78 -9.52 -22.44 -19.64
N LEU B 79 -8.48 -22.73 -18.87
CA LEU B 79 -7.16 -23.07 -19.37
C LEU B 79 -6.95 -24.56 -19.17
N ARG B 80 -6.77 -25.30 -20.26
CA ARG B 80 -6.65 -26.75 -20.15
C ARG B 80 -5.31 -27.13 -19.54
N VAL B 81 -5.35 -28.05 -18.55
CA VAL B 81 -4.16 -28.55 -17.89
C VAL B 81 -3.65 -29.77 -18.66
N ILE B 82 -2.37 -29.76 -19.02
CA ILE B 82 -1.76 -30.85 -19.78
C ILE B 82 -0.66 -31.58 -18.99
N GLY B 83 -0.42 -31.21 -17.75
CA GLY B 83 0.51 -31.95 -16.91
C GLY B 83 0.50 -31.33 -15.53
N HIS B 84 0.97 -32.10 -14.56
CA HIS B 84 1.01 -31.59 -13.20
C HIS B 84 2.17 -32.22 -12.44
N SER B 85 2.72 -31.47 -11.51
CA SER B 85 3.72 -32.00 -10.60
C SER B 85 3.69 -31.22 -9.31
N MET B 86 4.24 -31.83 -8.26
CA MET B 86 4.32 -31.21 -6.95
C MET B 86 5.79 -30.88 -6.66
N GLN B 87 6.04 -29.64 -6.27
CA GLN B 87 7.36 -29.21 -5.80
C GLN B 87 7.18 -28.64 -4.41
N ASN B 88 7.62 -29.38 -3.39
CA ASN B 88 7.45 -28.95 -2.01
C ASN B 88 5.96 -28.70 -1.78
N CYS B 89 5.55 -27.52 -1.32
CA CYS B 89 4.16 -27.26 -0.99
C CYS B 89 3.39 -26.56 -2.12
N VAL B 90 3.93 -26.53 -3.33
CA VAL B 90 3.22 -25.91 -4.44
CA VAL B 90 3.28 -25.89 -4.48
C VAL B 90 2.99 -26.95 -5.53
N LEU B 91 1.90 -26.76 -6.24
CA LEU B 91 1.55 -27.49 -7.43
C LEU B 91 1.97 -26.69 -8.63
N LYS B 92 2.55 -27.36 -9.62
CA LYS B 92 2.86 -26.78 -10.92
C LYS B 92 1.94 -27.47 -11.92
N LEU B 93 1.10 -26.68 -12.57
CA LEU B 93 0.16 -27.20 -13.55
C LEU B 93 0.59 -26.67 -14.91
N LYS B 94 0.99 -27.57 -15.79
CA LYS B 94 1.34 -27.17 -17.14
C LYS B 94 0.04 -26.97 -17.90
N VAL B 95 -0.08 -25.85 -18.61
CA VAL B 95 -1.32 -25.52 -19.31
C VAL B 95 -1.00 -25.36 -20.80
N ASP B 96 -2.06 -25.36 -21.60
CA ASP B 96 -1.85 -25.40 -23.04
C ASP B 96 -1.70 -24.03 -23.67
N THR B 97 -1.69 -22.97 -22.86
CA THR B 97 -1.58 -21.61 -23.35
C THR B 97 -0.49 -20.86 -22.59
N ALA B 98 0.41 -20.22 -23.32
CA ALA B 98 1.39 -19.36 -22.68
C ALA B 98 0.74 -18.02 -22.41
N ASN B 99 0.86 -17.54 -21.18
CA ASN B 99 0.27 -16.27 -20.78
C ASN B 99 0.88 -15.10 -21.55
N PRO B 100 0.13 -14.44 -22.44
CA PRO B 100 0.70 -13.31 -23.19
C PRO B 100 1.06 -12.12 -22.31
N LYS B 101 0.59 -12.07 -21.06
CA LYS B 101 0.90 -10.98 -20.14
C LYS B 101 2.03 -11.33 -19.19
N THR B 102 2.74 -12.41 -19.45
CA THR B 102 3.86 -12.80 -18.60
C THR B 102 4.88 -11.68 -18.58
N PRO B 103 5.20 -11.13 -17.42
CA PRO B 103 6.28 -10.14 -17.35
C PRO B 103 7.63 -10.84 -17.28
N LYS B 104 8.70 -10.05 -17.44
CA LYS B 104 9.99 -10.53 -16.99
C LYS B 104 9.88 -10.82 -15.50
N TYR B 105 10.34 -12.00 -15.07
CA TYR B 105 10.17 -12.36 -13.67
C TYR B 105 11.31 -13.21 -13.16
N LYS B 106 11.38 -13.32 -11.84
CA LYS B 106 12.33 -14.15 -11.11
C LYS B 106 11.58 -14.67 -9.89
N PHE B 107 12.04 -15.80 -9.39
CA PHE B 107 11.61 -16.36 -8.11
C PHE B 107 12.72 -16.13 -7.10
N VAL B 108 12.42 -15.41 -6.02
CA VAL B 108 13.41 -15.18 -4.98
C VAL B 108 12.85 -15.55 -3.62
N ARG B 109 13.75 -15.94 -2.73
CA ARG B 109 13.42 -16.22 -1.34
C ARG B 109 13.96 -15.06 -0.52
N ILE B 110 13.07 -14.36 0.16
CA ILE B 110 13.47 -13.15 0.85
C ILE B 110 13.94 -13.49 2.25
N GLN B 111 14.64 -12.52 2.87
CA GLN B 111 15.11 -12.63 4.24
C GLN B 111 14.11 -11.98 5.20
N PRO B 112 14.02 -12.44 6.43
CA PRO B 112 13.18 -11.73 7.40
C PRO B 112 13.60 -10.28 7.47
N GLY B 113 12.63 -9.40 7.64
CA GLY B 113 12.81 -7.98 7.61
C GLY B 113 12.53 -7.36 6.27
N GLN B 114 12.72 -8.11 5.18
CA GLN B 114 12.44 -7.55 3.87
C GLN B 114 10.93 -7.35 3.70
N THR B 115 10.58 -6.36 2.91
CA THR B 115 9.19 -6.01 2.65
C THR B 115 8.83 -6.40 1.22
N PHE B 116 7.53 -6.49 0.99
CA PHE B 116 7.03 -6.83 -0.34
C PHE B 116 5.57 -6.44 -0.43
N SER B 117 5.08 -6.31 -1.65
CA SER B 117 3.68 -6.02 -1.87
C SER B 117 2.92 -7.32 -2.02
N VAL B 118 1.70 -7.35 -1.49
CA VAL B 118 0.81 -8.49 -1.62
C VAL B 118 -0.40 -8.06 -2.44
N LEU B 119 -0.73 -8.85 -3.49
CA LEU B 119 -1.95 -8.62 -4.24
C LEU B 119 -2.96 -9.65 -3.73
N ALA B 120 -3.87 -9.20 -2.86
CA ALA B 120 -4.86 -10.10 -2.28
C ALA B 120 -5.92 -10.41 -3.33
N CYS B 121 -6.11 -11.70 -3.62
CA CYS B 121 -7.02 -12.13 -4.66
C CYS B 121 -8.06 -13.10 -4.12
N TYR B 122 -9.22 -13.09 -4.75
CA TYR B 122 -10.29 -14.04 -4.46
C TYR B 122 -10.87 -14.49 -5.79
N ASN B 123 -10.95 -15.81 -5.97
CA ASN B 123 -11.47 -16.41 -7.21
C ASN B 123 -10.73 -15.88 -8.43
N GLY B 124 -9.41 -15.72 -8.30
CA GLY B 124 -8.58 -15.23 -9.38
C GLY B 124 -8.75 -13.76 -9.70
N SER B 125 -9.52 -13.01 -8.88
CA SER B 125 -9.77 -11.60 -9.10
C SER B 125 -9.07 -10.78 -8.04
N PRO B 126 -8.27 -9.78 -8.41
CA PRO B 126 -7.61 -8.95 -7.39
C PRO B 126 -8.59 -8.09 -6.62
N SER B 127 -8.39 -8.04 -5.30
CA SER B 127 -9.16 -7.23 -4.37
C SER B 127 -8.41 -5.97 -3.94
N GLY B 128 -7.13 -6.07 -3.63
CA GLY B 128 -6.38 -4.95 -3.10
C GLY B 128 -4.91 -5.28 -3.03
N VAL B 129 -4.10 -4.23 -2.88
CA VAL B 129 -2.66 -4.40 -2.81
C VAL B 129 -2.16 -3.65 -1.58
N TYR B 130 -1.24 -4.26 -0.86
CA TYR B 130 -0.67 -3.63 0.32
C TYR B 130 0.76 -4.10 0.54
N GLN B 131 1.48 -3.36 1.36
CA GLN B 131 2.87 -3.66 1.67
C GLN B 131 2.95 -4.45 2.97
N CYS B 132 3.76 -5.52 2.96
CA CYS B 132 3.97 -6.41 4.10
C CYS B 132 5.44 -6.48 4.43
N ALA B 133 5.76 -6.74 5.69
CA ALA B 133 7.12 -7.13 6.06
C ALA B 133 7.11 -8.58 6.52
N MET B 134 8.13 -9.33 6.10
CA MET B 134 8.40 -10.65 6.65
C MET B 134 8.97 -10.46 8.06
N ARG B 135 8.24 -10.91 9.09
CA ARG B 135 8.71 -10.74 10.47
C ARG B 135 9.88 -11.68 10.74
N PRO B 136 10.67 -11.40 11.78
CA PRO B 136 11.79 -12.30 12.09
C PRO B 136 11.36 -13.71 12.43
N ASN B 137 10.13 -13.89 12.89
CA ASN B 137 9.59 -15.21 13.17
C ASN B 137 8.93 -15.82 11.92
N PHE B 138 9.18 -15.23 10.75
CA PHE B 138 8.75 -15.80 9.46
C PHE B 138 7.24 -15.86 9.33
N THR B 139 6.54 -14.95 9.98
CA THR B 139 5.14 -14.70 9.71
C THR B 139 5.03 -13.32 9.06
N ILE B 140 3.89 -13.05 8.45
CA ILE B 140 3.57 -11.71 7.99
C ILE B 140 2.27 -11.29 8.60
N LYS B 141 2.18 -9.99 8.93
CA LYS B 141 0.94 -9.38 9.40
C LYS B 141 0.17 -8.97 8.16
N GLY B 142 -0.48 -9.97 7.56
CA GLY B 142 -1.24 -9.78 6.35
C GLY B 142 -2.71 -9.54 6.64
N SER B 143 -3.47 -9.44 5.56
CA SER B 143 -4.92 -9.27 5.61
C SER B 143 -5.47 -10.28 4.60
N PHE B 144 -5.87 -11.44 5.09
CA PHE B 144 -6.28 -12.54 4.24
C PHE B 144 -7.55 -13.15 4.79
N LEU B 145 -8.48 -13.45 3.89
CA LEU B 145 -9.73 -14.12 4.21
C LEU B 145 -9.78 -15.47 3.50
N ASN B 146 -10.81 -16.25 3.81
CA ASN B 146 -11.01 -17.51 3.10
C ASN B 146 -10.95 -17.26 1.60
N GLY B 147 -10.33 -18.18 0.88
CA GLY B 147 -10.21 -18.10 -0.56
C GLY B 147 -9.05 -17.25 -1.05
N SER B 148 -8.25 -16.69 -0.14
CA SER B 148 -7.11 -15.86 -0.48
C SER B 148 -5.84 -16.66 -0.77
N CYS B 149 -5.80 -17.96 -0.46
CA CYS B 149 -4.61 -18.74 -0.72
C CYS B 149 -4.21 -18.68 -2.19
N GLY B 150 -2.90 -18.68 -2.42
CA GLY B 150 -2.37 -18.49 -3.75
C GLY B 150 -2.12 -17.05 -4.12
N SER B 151 -2.64 -16.09 -3.37
CA SER B 151 -2.21 -14.71 -3.55
C SER B 151 -0.70 -14.66 -3.36
N VAL B 152 -0.04 -13.76 -4.10
CA VAL B 152 1.42 -13.72 -4.08
C VAL B 152 1.91 -12.37 -3.58
N GLY B 153 3.12 -12.41 -3.02
CA GLY B 153 3.88 -11.23 -2.70
C GLY B 153 5.04 -11.07 -3.66
N PHE B 154 5.44 -9.82 -3.88
CA PHE B 154 6.38 -9.51 -4.95
C PHE B 154 7.04 -8.16 -4.71
N ASN B 155 8.21 -8.01 -5.33
CA ASN B 155 8.87 -6.72 -5.54
C ASN B 155 9.13 -6.54 -7.04
N ILE B 156 9.24 -5.29 -7.46
CA ILE B 156 9.49 -4.99 -8.87
C ILE B 156 10.80 -4.23 -8.96
N ASP B 157 11.73 -4.73 -9.78
CA ASP B 157 13.05 -4.14 -9.99
C ASP B 157 13.18 -3.80 -11.47
N TYR B 158 13.13 -2.50 -11.79
CA TYR B 158 13.05 -2.08 -13.18
C TYR B 158 11.78 -2.65 -13.79
N ASP B 159 11.92 -3.57 -14.74
CA ASP B 159 10.77 -4.17 -15.40
C ASP B 159 10.50 -5.59 -14.92
N CYS B 160 11.27 -6.07 -13.95
CA CYS B 160 11.28 -7.47 -13.60
C CYS B 160 10.55 -7.68 -12.26
N VAL B 161 9.57 -8.57 -12.26
CA VAL B 161 8.82 -8.91 -11.05
C VAL B 161 9.54 -10.05 -10.36
N SER B 162 9.94 -9.83 -9.09
CA SER B 162 10.56 -10.86 -8.26
C SER B 162 9.49 -11.39 -7.30
N PHE B 163 8.97 -12.58 -7.60
CA PHE B 163 7.97 -13.19 -6.75
C PHE B 163 8.66 -13.83 -5.56
N CYS B 164 8.16 -13.54 -4.35
CA CYS B 164 8.80 -14.03 -3.15
C CYS B 164 7.87 -14.73 -2.16
N TYR B 165 6.56 -14.63 -2.32
CA TYR B 165 5.65 -15.18 -1.31
C TYR B 165 4.39 -15.70 -2.00
N MET B 166 3.92 -16.85 -1.53
CA MET B 166 2.60 -17.35 -1.91
C MET B 166 1.86 -17.73 -0.64
N HIS B 167 0.61 -17.33 -0.53
CA HIS B 167 -0.10 -17.44 0.74
C HIS B 167 -0.73 -18.81 0.94
N HIS B 168 -0.54 -19.40 2.14
CA HIS B 168 -1.13 -20.70 2.48
C HIS B 168 -1.98 -20.74 3.74
N MET B 169 -1.62 -20.00 4.80
CA MET B 169 -2.12 -20.30 6.14
C MET B 169 -2.33 -19.07 7.01
N GLU B 170 -3.28 -19.19 7.93
CA GLU B 170 -3.42 -18.29 9.07
C GLU B 170 -3.11 -19.05 10.35
N LEU B 171 -2.44 -18.38 11.27
CA LEU B 171 -2.09 -18.95 12.56
C LEU B 171 -3.08 -18.51 13.62
N PRO B 172 -3.12 -19.22 14.76
CA PRO B 172 -4.09 -18.84 15.80
C PRO B 172 -3.96 -17.39 16.24
N THR B 173 -2.74 -16.86 16.28
CA THR B 173 -2.56 -15.47 16.67
C THR B 173 -3.07 -14.48 15.63
N GLY B 174 -3.49 -14.95 14.46
CA GLY B 174 -4.04 -14.09 13.44
C GLY B 174 -3.06 -13.63 12.39
N VAL B 175 -1.79 -14.02 12.50
CA VAL B 175 -0.80 -13.70 11.49
C VAL B 175 -0.76 -14.82 10.46
N HIS B 176 0.05 -14.65 9.42
CA HIS B 176 -0.05 -15.45 8.21
C HIS B 176 1.28 -16.07 7.86
N ALA B 177 1.20 -17.22 7.19
CA ALA B 177 2.35 -18.03 6.83
C ALA B 177 2.18 -18.54 5.41
N GLY B 178 3.30 -18.73 4.74
CA GLY B 178 3.27 -19.11 3.33
C GLY B 178 4.63 -19.57 2.88
N THR B 179 4.78 -19.68 1.56
CA THR B 179 5.96 -20.26 0.93
C THR B 179 6.57 -19.28 -0.04
N ASP B 180 7.79 -19.59 -0.48
CA ASP B 180 8.32 -18.99 -1.69
C ASP B 180 7.69 -19.70 -2.89
N LEU B 181 8.07 -19.29 -4.09
CA LEU B 181 7.43 -19.84 -5.28
C LEU B 181 7.99 -21.19 -5.69
N GLU B 182 9.00 -21.70 -4.98
CA GLU B 182 9.40 -23.09 -5.06
C GLU B 182 8.72 -23.96 -3.99
N GLY B 183 7.75 -23.40 -3.26
CA GLY B 183 6.96 -24.17 -2.34
C GLY B 183 7.57 -24.42 -0.99
N ASN B 184 8.67 -23.77 -0.66
CA ASN B 184 9.31 -23.96 0.63
C ASN B 184 8.78 -22.94 1.63
N PHE B 185 8.21 -23.42 2.73
CA PHE B 185 7.64 -22.49 3.70
C PHE B 185 8.72 -21.56 4.23
N TYR B 186 8.32 -20.33 4.51
CA TYR B 186 9.10 -19.49 5.40
C TYR B 186 8.81 -19.92 6.83
N GLY B 187 9.86 -20.23 7.58
CA GLY B 187 9.72 -20.61 8.97
C GLY B 187 9.33 -22.06 9.15
N PRO B 188 9.03 -22.43 10.39
CA PRO B 188 8.80 -23.83 10.75
C PRO B 188 7.33 -24.22 10.67
N PHE B 189 6.70 -23.95 9.54
CA PHE B 189 5.28 -24.21 9.39
C PHE B 189 5.08 -25.30 8.35
N VAL B 190 3.93 -25.97 8.44
CA VAL B 190 3.51 -27.01 7.51
C VAL B 190 2.09 -26.70 7.06
N ASP B 191 1.73 -27.17 5.86
CA ASP B 191 0.39 -26.93 5.32
C ASP B 191 -0.56 -28.04 5.76
N ARG B 192 -0.88 -27.99 7.05
CA ARG B 192 -1.80 -28.91 7.72
C ARG B 192 -2.68 -28.06 8.63
N GLN B 193 -3.98 -28.33 8.62
CA GLN B 193 -4.93 -27.54 9.40
C GLN B 193 -4.83 -27.97 10.86
N THR B 194 -3.69 -27.66 11.46
CA THR B 194 -3.41 -27.97 12.85
C THR B 194 -2.88 -26.72 13.55
N ALA B 195 -2.94 -26.75 14.87
CA ALA B 195 -2.46 -25.64 15.68
C ALA B 195 -0.95 -25.55 15.59
N GLN B 196 -0.45 -24.41 15.15
CA GLN B 196 0.98 -24.18 15.03
C GLN B 196 1.27 -22.81 15.61
N ALA B 197 2.34 -22.70 16.38
CA ALA B 197 2.70 -21.45 17.02
C ALA B 197 3.93 -20.87 16.33
N ALA B 198 3.91 -19.57 16.11
CA ALA B 198 5.12 -18.87 15.70
C ALA B 198 5.96 -18.57 16.92
N GLY B 199 7.28 -18.53 16.72
CA GLY B 199 8.15 -18.10 17.79
C GLY B 199 7.88 -16.66 18.18
N THR B 200 8.37 -16.27 19.35
CA THR B 200 8.14 -14.90 19.79
C THR B 200 8.80 -13.95 18.80
N ASP B 201 8.06 -12.92 18.42
CA ASP B 201 8.53 -11.99 17.40
C ASP B 201 9.50 -10.99 18.03
N THR B 202 10.32 -10.40 17.19
CA THR B 202 11.33 -9.45 17.59
C THR B 202 11.25 -8.24 16.66
N THR B 203 11.93 -7.16 17.05
CA THR B 203 11.93 -5.94 16.26
C THR B 203 13.02 -6.00 15.19
N ILE B 204 12.69 -5.49 14.01
CA ILE B 204 13.59 -5.58 12.86
C ILE B 204 14.60 -4.44 12.89
N THR B 205 15.77 -4.72 13.46
CA THR B 205 16.75 -3.69 13.75
C THR B 205 17.19 -2.97 12.50
N VAL B 206 17.45 -3.70 11.43
CA VAL B 206 17.96 -3.05 10.23
C VAL B 206 16.96 -2.01 9.72
N ASN B 207 15.67 -2.29 9.83
CA ASN B 207 14.68 -1.32 9.40
C ASN B 207 14.56 -0.16 10.37
N VAL B 208 14.70 -0.39 11.68
CA VAL B 208 14.73 0.73 12.61
C VAL B 208 15.87 1.67 12.26
N LEU B 209 17.05 1.11 11.98
CA LEU B 209 18.20 1.94 11.57
C LEU B 209 17.88 2.71 10.29
N ALA B 210 17.26 2.05 9.31
CA ALA B 210 16.87 2.76 8.09
C ALA B 210 15.99 3.95 8.43
N TRP B 211 15.03 3.74 9.33
CA TRP B 211 14.14 4.80 9.79
C TRP B 211 14.91 5.94 10.44
N LEU B 212 15.94 5.63 11.25
CA LEU B 212 16.74 6.70 11.85
C LEU B 212 17.49 7.48 10.77
N TYR B 213 18.04 6.76 9.78
CA TYR B 213 18.64 7.46 8.64
C TYR B 213 17.63 8.37 7.96
N ALA B 214 16.40 7.88 7.79
CA ALA B 214 15.36 8.72 7.16
C ALA B 214 15.09 9.96 8.00
N ALA B 215 15.07 9.83 9.32
CA ALA B 215 14.88 11.01 10.15
C ALA B 215 16.03 12.00 9.93
N VAL B 216 17.27 11.52 9.87
CA VAL B 216 18.41 12.40 9.66
C VAL B 216 18.30 13.10 8.31
N ILE B 217 17.97 12.34 7.26
CA ILE B 217 17.83 12.95 5.92
C ILE B 217 16.86 14.12 5.96
N ASN B 218 15.80 14.00 6.77
CA ASN B 218 14.78 15.03 6.91
C ASN B 218 15.12 16.07 7.99
N GLY B 219 16.34 16.07 8.51
CA GLY B 219 16.79 17.09 9.43
C GLY B 219 16.45 16.86 10.88
N ASP B 220 15.99 15.68 11.22
CA ASP B 220 15.62 15.32 12.59
C ASP B 220 16.75 14.46 13.15
N ARG B 221 17.66 15.06 13.90
CA ARG B 221 18.89 14.33 14.25
C ARG B 221 19.34 14.55 15.69
N TRP B 222 18.42 14.87 16.61
CA TRP B 222 18.80 15.08 18.01
C TRP B 222 19.44 13.84 18.62
N PHE B 223 19.07 12.65 18.14
CA PHE B 223 19.49 11.39 18.74
C PHE B 223 20.89 10.94 18.32
N LEU B 224 21.53 11.61 17.34
CA LEU B 224 22.90 11.25 16.99
C LEU B 224 23.82 11.58 18.16
N ASN B 225 24.61 10.61 18.60
CA ASN B 225 25.58 10.81 19.67
C ASN B 225 27.00 10.72 19.10
N ARG B 226 27.99 10.93 19.96
CA ARG B 226 29.37 11.00 19.54
C ARG B 226 30.10 9.66 19.61
N PHE B 227 29.41 8.59 19.98
CA PHE B 227 30.05 7.31 20.23
C PHE B 227 29.90 6.38 19.01
N THR B 228 30.60 5.25 19.08
CA THR B 228 30.42 4.17 18.13
C THR B 228 30.47 2.87 18.91
N THR B 229 30.44 1.75 18.20
CA THR B 229 30.38 0.44 18.85
C THR B 229 30.85 -0.59 17.84
N THR B 230 31.15 -1.78 18.34
CA THR B 230 31.42 -2.90 17.45
C THR B 230 30.08 -3.53 17.11
N LEU B 231 30.07 -4.30 16.03
CA LEU B 231 28.83 -4.98 15.64
C LEU B 231 28.45 -6.04 16.68
N ASN B 232 29.44 -6.73 17.23
CA ASN B 232 29.13 -7.76 18.21
C ASN B 232 28.56 -7.17 19.50
N ASP B 233 29.17 -6.10 20.01
CA ASP B 233 28.63 -5.48 21.22
CA ASP B 233 28.62 -5.50 21.22
C ASP B 233 27.21 -4.99 20.99
N PHE B 234 26.96 -4.34 19.85
CA PHE B 234 25.61 -3.90 19.55
C PHE B 234 24.66 -5.08 19.51
N ASN B 235 25.04 -6.17 18.81
CA ASN B 235 24.13 -7.30 18.67
C ASN B 235 23.79 -7.89 20.03
N LEU B 236 24.78 -7.99 20.91
CA LEU B 236 24.50 -8.55 22.22
C LEU B 236 23.55 -7.67 23.01
N VAL B 237 23.75 -6.35 22.97
CA VAL B 237 22.83 -5.46 23.68
C VAL B 237 21.45 -5.51 23.05
N ALA B 238 21.39 -5.43 21.73
CA ALA B 238 20.08 -5.37 21.05
C ALA B 238 19.20 -6.55 21.44
N MET B 239 19.78 -7.74 21.56
CA MET B 239 18.95 -8.91 21.84
C MET B 239 18.31 -8.83 23.22
N LYS B 240 18.89 -8.04 24.12
CA LYS B 240 18.28 -7.87 25.44
C LYS B 240 17.04 -7.00 25.42
N TYR B 241 16.84 -6.24 24.33
CA TYR B 241 15.65 -5.44 24.13
C TYR B 241 14.70 -6.08 23.11
N ASN B 242 14.92 -7.37 22.80
CA ASN B 242 14.12 -8.11 21.83
C ASN B 242 14.21 -7.51 20.43
N TYR B 243 15.37 -6.93 20.11
CA TYR B 243 15.73 -6.51 18.76
C TYR B 243 16.54 -7.62 18.09
N GLU B 244 16.40 -7.72 16.77
CA GLU B 244 17.17 -8.70 16.02
C GLU B 244 18.65 -8.32 15.97
N PRO B 245 19.54 -9.28 16.00
CA PRO B 245 20.93 -8.98 15.69
C PRO B 245 21.06 -8.61 14.21
N LEU B 246 22.02 -7.77 13.94
CA LEU B 246 22.38 -7.42 12.57
C LEU B 246 23.26 -8.50 11.95
N THR B 247 23.05 -8.73 10.66
CA THR B 247 23.90 -9.55 9.84
C THR B 247 24.82 -8.66 9.02
N GLN B 248 25.79 -9.28 8.35
CA GLN B 248 26.63 -8.52 7.42
C GLN B 248 25.80 -7.97 6.26
N ASP B 249 24.80 -8.72 5.82
CA ASP B 249 23.94 -8.24 4.73
C ASP B 249 23.19 -6.98 5.15
N HIS B 250 22.74 -6.94 6.41
CA HIS B 250 22.11 -5.73 6.93
C HIS B 250 23.05 -4.53 6.90
N VAL B 251 24.28 -4.72 7.36
CA VAL B 251 25.26 -3.66 7.28
C VAL B 251 25.40 -3.18 5.85
N ASP B 252 25.48 -4.12 4.92
CA ASP B 252 25.68 -3.77 3.50
C ASP B 252 24.49 -3.00 2.93
N ILE B 253 23.25 -3.41 3.24
CA ILE B 253 22.13 -2.71 2.62
C ILE B 253 21.88 -1.33 3.24
N LEU B 254 22.43 -1.05 4.42
CA LEU B 254 22.45 0.29 4.98
C LEU B 254 23.54 1.16 4.35
N GLY B 255 24.35 0.60 3.46
CA GLY B 255 25.48 1.28 2.89
C GLY B 255 25.08 2.58 2.21
N PRO B 256 24.07 2.53 1.34
CA PRO B 256 23.67 3.75 0.63
C PRO B 256 23.19 4.87 1.53
N LEU B 257 22.41 4.56 2.56
CA LEU B 257 21.93 5.58 3.48
C LEU B 257 23.06 6.12 4.33
N SER B 258 24.01 5.25 4.71
CA SER B 258 25.20 5.71 5.41
C SER B 258 26.01 6.67 4.55
N ALA B 259 26.16 6.35 3.27
CA ALA B 259 26.88 7.24 2.36
C ALA B 259 26.12 8.55 2.17
N GLN B 260 24.80 8.48 2.05
CA GLN B 260 24.00 9.68 1.80
C GLN B 260 24.08 10.65 2.96
N THR B 261 24.19 10.14 4.19
CA THR B 261 24.22 10.98 5.39
C THR B 261 25.62 11.18 5.97
N GLY B 262 26.59 10.37 5.56
CA GLY B 262 27.91 10.44 6.15
C GLY B 262 28.00 9.90 7.56
N ILE B 263 26.98 9.16 8.00
CA ILE B 263 26.97 8.56 9.34
C ILE B 263 27.26 7.07 9.20
N ALA B 264 28.40 6.63 9.74
CA ALA B 264 28.76 5.23 9.65
C ALA B 264 27.67 4.37 10.31
N VAL B 265 27.47 3.19 9.74
CA VAL B 265 26.46 2.28 10.26
C VAL B 265 26.65 2.06 11.76
N LEU B 266 27.89 1.81 12.18
CA LEU B 266 28.14 1.50 13.58
C LEU B 266 27.96 2.71 14.49
N ASP B 267 28.15 3.92 13.95
CA ASP B 267 27.77 5.10 14.71
C ASP B 267 26.26 5.17 14.90
N MET B 268 25.48 4.88 13.85
CA MET B 268 24.05 4.87 14.05
C MET B 268 23.65 3.78 15.04
N CYS B 269 24.33 2.63 14.98
CA CYS B 269 24.07 1.57 15.97
C CYS B 269 24.30 2.07 17.39
N ALA B 270 25.37 2.83 17.62
CA ALA B 270 25.59 3.39 18.95
C ALA B 270 24.47 4.33 19.34
N SER B 271 23.95 5.11 18.37
CA SER B 271 22.86 6.02 18.67
C SER B 271 21.59 5.25 19.03
N LEU B 272 21.30 4.18 18.30
CA LEU B 272 20.15 3.35 18.64
C LEU B 272 20.32 2.69 20.00
N LYS B 273 21.53 2.19 20.29
CA LYS B 273 21.77 1.57 21.60
C LYS B 273 21.44 2.55 22.73
N GLU B 274 21.83 3.82 22.58
CA GLU B 274 21.52 4.82 23.59
CA GLU B 274 21.51 4.78 23.63
C GLU B 274 20.01 5.02 23.71
N LEU B 275 19.29 5.01 22.58
CA LEU B 275 17.85 5.11 22.62
C LEU B 275 17.24 3.93 23.36
N LEU B 276 17.79 2.73 23.15
CA LEU B 276 17.23 1.55 23.83
C LEU B 276 17.48 1.64 25.33
N GLN B 277 18.68 2.07 25.71
CA GLN B 277 19.08 2.04 27.11
C GLN B 277 18.56 3.22 27.91
N ASN B 278 18.37 4.38 27.28
CA ASN B 278 17.92 5.56 28.01
C ASN B 278 16.50 5.96 27.68
N GLY B 279 15.90 5.41 26.64
CA GLY B 279 14.56 5.80 26.25
C GLY B 279 14.55 7.06 25.42
N MET B 280 13.35 7.44 25.01
CA MET B 280 13.16 8.64 24.20
C MET B 280 13.20 9.92 25.04
N ASN B 281 13.06 9.80 26.37
CA ASN B 281 13.07 10.98 27.24
C ASN B 281 12.02 11.99 26.80
N GLY B 282 10.88 11.49 26.31
CA GLY B 282 9.77 12.34 25.92
C GLY B 282 9.84 12.92 24.52
N ARG B 283 10.91 12.66 23.77
CA ARG B 283 11.07 13.26 22.46
C ARG B 283 10.44 12.37 21.40
N THR B 284 10.49 12.83 20.15
CA THR B 284 9.93 12.09 19.04
C THR B 284 10.94 12.07 17.90
N ILE B 285 10.71 11.15 16.97
CA ILE B 285 11.53 11.01 15.77
C ILE B 285 10.56 10.87 14.61
N LEU B 286 10.65 11.78 13.64
CA LEU B 286 9.73 11.82 12.51
C LEU B 286 8.28 11.87 13.00
N GLY B 287 8.06 12.59 14.09
CA GLY B 287 6.73 12.78 14.62
C GLY B 287 6.15 11.50 15.19
N SER B 288 6.91 10.84 16.07
CA SER B 288 6.49 9.59 16.65
C SER B 288 7.45 9.22 17.78
N ALA B 289 6.89 8.71 18.88
CA ALA B 289 7.73 8.15 19.93
C ALA B 289 8.05 6.68 19.69
N LEU B 290 7.31 6.03 18.81
CA LEU B 290 7.55 4.63 18.46
C LEU B 290 8.56 4.57 17.32
N LEU B 291 9.54 3.69 17.45
CA LEU B 291 10.48 3.42 16.36
C LEU B 291 9.85 2.44 15.36
N GLU B 292 9.80 2.85 14.11
CA GLU B 292 9.17 2.07 13.04
C GLU B 292 10.15 1.03 12.51
N ASP B 293 9.64 -0.21 12.30
CA ASP B 293 10.52 -1.30 11.86
C ASP B 293 10.02 -2.02 10.60
N GLU B 294 9.10 -1.43 9.84
CA GLU B 294 8.62 -2.05 8.61
C GLU B 294 8.93 -1.23 7.37
N PHE B 295 9.89 -0.31 7.47
CA PHE B 295 10.47 0.36 6.30
C PHE B 295 11.93 -0.06 6.15
N THR B 296 12.22 -0.69 5.02
CA THR B 296 13.57 -1.13 4.71
C THR B 296 14.41 0.01 4.17
N PRO B 297 15.73 -0.18 4.11
CA PRO B 297 16.56 0.85 3.46
C PRO B 297 16.09 1.18 2.06
N PHE B 298 15.66 0.17 1.30
CA PHE B 298 15.14 0.43 -0.05
C PHE B 298 13.84 1.23 0.00
N ASP B 299 12.94 0.88 0.92
CA ASP B 299 11.71 1.67 1.09
C ASP B 299 12.04 3.13 1.41
N VAL B 300 13.03 3.37 2.28
CA VAL B 300 13.37 4.73 2.64
C VAL B 300 13.84 5.50 1.42
N VAL B 301 14.66 4.86 0.59
CA VAL B 301 15.17 5.52 -0.61
C VAL B 301 14.05 5.78 -1.61
N ARG B 302 13.17 4.79 -1.83
CA ARG B 302 12.08 4.96 -2.79
C ARG B 302 11.26 6.22 -2.50
N GLN B 303 11.13 6.60 -1.23
CA GLN B 303 10.25 7.70 -0.86
C GLN B 303 10.98 9.02 -0.62
N CYS B 304 12.28 8.99 -0.33
CA CYS B 304 13.02 10.23 -0.12
C CYS B 304 13.62 10.77 -1.40
N SER B 305 14.04 9.88 -2.30
CA SER B 305 14.75 10.28 -3.51
C SER B 305 13.99 9.87 -4.76
N11 Y4D C . 4.43 20.41 -8.72
C12 Y4D C . 4.99 21.64 -8.38
C14 Y4D C . 4.00 23.72 -9.46
C15 Y4D C . 3.17 25.01 -9.33
C16 Y4D C . 1.74 24.72 -8.81
O20 Y4D C . 5.94 23.87 -5.01
C23 Y4D C . 8.42 21.69 -2.86
C24 Y4D C . 9.81 21.02 -3.02
C25 Y4D C . 10.29 21.04 -4.46
C26 Y4D C . 10.34 22.48 -4.98
C27 Y4D C . 8.95 23.19 -4.86
C28 Y4D C . 11.44 23.24 -4.20
C29 Y4D C . 11.39 23.07 -2.65
C02 Y4D C . 5.32 17.85 -5.22
C04 Y4D C . 7.58 18.40 -5.01
C05 Y4D C . 7.06 18.94 -6.39
C06 Y4D C . 5.54 18.78 -6.41
C07 Y4D C . 5.09 18.17 -7.80
C08 Y4D C . 5.16 19.17 -8.98
C09 Y4D C . 4.65 18.47 -10.24
C13 Y4D C . 4.10 22.90 -8.12
C17 Y4D C . 3.13 25.81 -10.65
C19 Y4D C . 5.10 23.16 -5.85
C21 Y4D C . 6.55 23.21 -3.88
C22 Y4D C . 7.86 22.33 -4.16
C30 Y4D C . 10.88 21.70 -2.12
N03 Y4D C . 6.46 17.65 -4.45
N18 Y4D C . 4.64 23.72 -7.05
O01 Y4D C . 4.25 17.31 -4.94
O10 Y4D C . 4.92 19.30 -11.34
O31 Y4D C . 4.77 22.02 -5.54
O32 Y4D C . 6.21 21.78 -8.25
C17 Y5S D . 2.85 25.92 -10.66
C13 Y5S D . 4.19 23.00 -8.29
C14 Y5S D . 4.01 23.90 -9.57
C15 Y5S D . 3.08 25.12 -9.35
C21 Y5S D . 6.52 23.18 -3.92
C23 Y5S D . 8.40 21.70 -2.86
C24 Y5S D . 9.80 21.02 -3.00
C26 Y5S D . 10.33 22.47 -4.98
C12 Y5S D . 4.96 21.69 -8.66
C16 Y5S D . 1.73 24.72 -8.71
C09 Y5S D . 4.63 18.61 -10.17
C08 Y5S D . 5.10 19.22 -8.85
C06 Y5S D . 5.48 18.69 -6.35
C02 Y5S D . 5.30 17.72 -5.20
C04 Y5S D . 7.54 18.37 -4.97
C07 Y5S D . 4.97 18.17 -7.72
C05 Y5S D . 7.00 18.83 -6.38
C19 Y5S D . 5.13 23.21 -5.96
C22 Y5S D . 7.85 22.31 -4.18
C25 Y5S D . 10.28 21.03 -4.46
C27 Y5S D . 8.94 23.17 -4.87
C28 Y5S D . 11.42 23.24 -4.20
C29 Y5S D . 11.37 23.07 -2.65
C30 Y5S D . 10.86 21.70 -2.12
N03 Y5S D . 6.46 17.55 -4.43
N11 Y5S D . 4.40 20.45 -8.53
N18 Y5S D . 4.88 23.74 -7.22
O01 Y5S D . 4.26 17.13 -4.93
O10 Y5S D . 5.36 17.42 -10.42
O20 Y5S D . 5.95 23.88 -5.05
O31 Y5S D . 4.66 22.11 -5.64
O32 Y5S D . 6.12 21.80 -9.06
N11 Y8Y E . -5.87 -21.36 3.98
C12 Y8Y E . -6.30 -22.35 4.83
C14 Y8Y E . -5.35 -24.73 4.80
C15 Y8Y E . -4.37 -25.79 5.38
C16 Y8Y E . -3.00 -25.19 5.72
O20 Y8Y E . -6.34 -22.72 9.10
C23 Y8Y E . -8.10 -22.33 11.96
C24 Y8Y E . -8.23 -22.91 13.38
C25 Y8Y E . -7.48 -22.09 14.39
C26 Y8Y E . -6.05 -22.24 14.00
C27 Y8Y E . -5.72 -21.67 12.61
C28 Y8Y E . -5.56 -23.67 14.25
C29 Y8Y E . -6.53 -24.81 13.79
C02 Y8Y E . -6.43 -17.33 5.82
C04 Y8Y E . -8.68 -17.53 6.42
C05 Y8Y E . -8.20 -18.87 5.73
C06 Y8Y E . -6.76 -18.73 5.29
C07 Y8Y E . -6.60 -18.93 3.73
C08 Y8Y E . -6.74 -20.42 3.27
C09 Y8Y E . -6.48 -20.51 1.75
C13 Y8Y E . -5.34 -23.36 5.57
C17 Y8Y E . -4.19 -27.00 4.47
C19 Y8Y E . -5.79 -22.50 7.87
C21 Y8Y E . -6.43 -21.68 10.07
C22 Y8Y E . -6.61 -22.28 11.48
C30 Y8Y E . -8.00 -24.42 13.46
N03 Y8Y E . -7.50 -16.68 6.45
N18 Y8Y E . -5.73 -23.54 6.96
O01 Y8Y E . -5.33 -16.78 5.73
O10 Y8Y E . -6.84 -21.83 1.33
O31 Y8Y E . -5.38 -21.37 7.61
O32 Y8Y E . -7.51 -22.48 5.04
C17 Y91 F . -4.18 -27.02 4.46
C13 Y91 F . -5.33 -23.37 5.58
C14 Y91 F . -5.34 -24.75 4.81
C15 Y91 F . -4.36 -25.80 5.38
C21 Y91 F . -6.44 -21.67 10.07
C23 Y91 F . -8.10 -22.33 11.96
C24 Y91 F . -8.23 -22.91 13.38
C26 Y91 F . -6.05 -22.24 14.00
C12 Y91 F . -6.29 -22.37 4.86
C16 Y91 F . -3.00 -25.20 5.72
C09 Y91 F . -6.48 -20.53 1.78
C08 Y91 F . -6.73 -20.45 3.28
C06 Y91 F . -6.76 -18.75 5.31
C02 Y91 F . -6.43 -17.35 5.83
C04 Y91 F . -8.70 -17.54 6.43
C07 Y91 F . -6.61 -18.97 3.75
C05 Y91 F . -8.23 -18.89 5.75
C19 Y91 F . -5.80 -22.50 7.88
C22 Y91 F . -6.61 -22.28 11.48
C25 Y91 F . -7.48 -22.10 14.40
C27 Y91 F . -5.72 -21.67 12.61
C28 Y91 F . -5.56 -23.67 14.25
C29 Y91 F . -6.53 -24.81 13.79
C30 Y91 F . -8.00 -24.42 13.46
N03 Y91 F . -7.50 -16.69 6.45
N11 Y91 F . -5.86 -21.39 3.98
N18 Y91 F . -5.71 -23.56 6.97
O01 Y91 F . -5.33 -16.81 5.73
O10 Y91 F . -7.24 -19.56 1.12
O20 Y91 F . -6.35 -22.71 9.10
O31 Y91 F . -5.37 -21.38 7.61
O32 Y91 F . -7.49 -22.47 5.09
#